data_5A8F
#
_entry.id   5A8F
#
_cell.length_a   1.000
_cell.length_b   1.000
_cell.length_c   1.000
_cell.angle_alpha   90.00
_cell.angle_beta   90.00
_cell.angle_gamma   90.00
#
_symmetry.space_group_name_H-M   'P 1'
#
loop_
_entity.id
_entity.type
_entity.pdbx_description
1 polymer 'HUMAN SAFFOLD VIRUS-3 VP1'
2 polymer 'GENOME POLYPHUMAN SAFFOLD VIRUS-3 VP3 PROTEIN'
3 polymer 'HUMAN SAFFOLD VIRUS-3 VP2'
#
loop_
_entity_poly.entity_id
_entity_poly.type
_entity_poly.pdbx_seq_one_letter_code
_entity_poly.pdbx_strand_id
1 'polypeptide(L)'
;SFFYDRSTLSSVLQSTSDVSSKFTPSTAKNLQNSILLTPLPSDIVNNSVLPEQERWISFASPTTQKPPYKTKQDWNFIMF
SPFTYYKCDLEVTLSKNDRETISSVVRYVPCGAPSDLSDQTMPQTPSLADTRDPHMWVVGQGTTNQISFVIPYTSPLSVL
PSVWFNGFSNFDNSSRFGVAPNADFGRLLLQGQGTFSVHYRYKKMRVFCPRPTVFIPWP
;
A
2 'polypeptide(L)'
;LLSLCKIPTFLGNLDSNKKRIPYFSATNSTPATPLVTYQVTLSCSCMANSMLAAVARNFNQYRGSLNYLFVFTGSAMTKG
KFLISYTPPGAGEPKTLDQAMQATYAIWDLGLNSSYNFTVPFISPTHYRQTSYNTPTITSVDGWLTVWQLTPLTYPLGVP
NDSHILTLVSGGDDFTLRMPVTFTKYVPQ
;
B
3 'polypeptide(L)'
;SDRVSSDTAGNTATNTQSTVGRLFGFGQRHKGKHPASCADTATDKVLAAERYYTIKLASWTKTQESFDHIRVPLPHALAG
ENGGVFSSTLRRHYLCKCGWRIQVQCNASQFHAGSLLVFMAPEFDTSNHSTEVEPRADTAFKVDANWQKHAQILTGHAYV
NTTTKVNVPLALNHQNFWQWTTYPHQILNLRTNTTCDLEVPYVNVCPTSSWTQHANWTLVIAVLTPLQYSQGSATTIEIT
ASIQPVKPVFNGLRHTVV
;
C
#
# COMPACT_ATOMS: atom_id res chain seq x y z
N SER A 1 8.05 -10.12 -12.95
CA SER A 1 7.93 -11.50 -13.40
C SER A 1 9.08 -12.37 -12.92
N PHE A 2 10.30 -11.87 -13.06
CA PHE A 2 11.49 -12.61 -12.64
C PHE A 2 11.56 -12.78 -11.13
N PHE A 3 11.33 -11.68 -10.40
CA PHE A 3 11.37 -11.70 -8.95
C PHE A 3 10.46 -12.75 -8.33
N TYR A 4 9.21 -12.80 -8.77
CA TYR A 4 8.24 -13.75 -8.23
C TYR A 4 8.26 -15.13 -8.87
N ASP A 5 9.05 -15.30 -9.92
CA ASP A 5 9.13 -16.60 -10.58
C ASP A 5 10.14 -17.50 -9.89
N ARG A 6 9.83 -17.90 -8.67
CA ARG A 6 10.70 -18.78 -7.89
C ARG A 6 9.84 -19.34 -6.77
N SER A 7 10.10 -20.58 -6.39
CA SER A 7 9.33 -21.24 -5.35
C SER A 7 9.64 -20.78 -3.93
N THR A 8 8.58 -20.44 -3.20
CA THR A 8 8.69 -19.99 -1.81
C THR A 8 7.73 -20.82 -0.96
N LEU A 9 8.15 -21.19 0.25
CA LEU A 9 7.30 -21.97 1.14
C LEU A 9 6.04 -21.16 1.38
N SER A 10 4.88 -21.79 1.21
CA SER A 10 3.63 -21.06 1.39
C SER A 10 2.55 -21.79 2.17
N SER A 11 2.78 -23.07 2.46
CA SER A 11 1.79 -23.82 3.21
C SER A 11 2.32 -25.19 3.67
N VAL A 12 1.56 -25.84 4.53
CA VAL A 12 1.92 -27.16 5.04
C VAL A 12 0.62 -27.95 5.21
N LEU A 13 0.70 -29.24 4.93
CA LEU A 13 -0.46 -30.11 4.95
C LEU A 13 -0.18 -31.37 5.77
N GLN A 14 -1.21 -31.94 6.41
CA GLN A 14 -1.01 -33.16 7.18
C GLN A 14 -2.20 -34.12 7.14
N SER A 15 -1.91 -35.39 6.92
CA SER A 15 -2.95 -36.41 6.84
C SER A 15 -2.56 -37.66 7.63
N THR A 16 -3.54 -38.27 8.30
CA THR A 16 -3.31 -39.47 9.09
C THR A 16 -4.15 -40.64 8.58
N SER A 17 -4.85 -40.42 7.47
CA SER A 17 -5.68 -41.48 6.90
C SER A 17 -5.01 -42.03 5.64
N ASP A 18 -5.20 -43.31 5.38
CA ASP A 18 -4.60 -43.97 4.23
C ASP A 18 -5.20 -43.55 2.90
N VAL A 19 -4.55 -43.98 1.82
CA VAL A 19 -4.99 -43.65 0.48
C VAL A 19 -6.37 -44.24 0.21
N SER A 20 -6.52 -45.55 0.38
CA SER A 20 -7.81 -46.20 0.15
C SER A 20 -8.78 -46.02 1.32
N SER A 21 -9.35 -44.83 1.41
CA SER A 21 -10.31 -44.50 2.46
C SER A 21 -11.09 -43.27 2.04
N LYS A 22 -12.08 -42.89 2.84
CA LYS A 22 -12.88 -41.72 2.54
C LYS A 22 -12.21 -40.49 3.13
N PHE A 23 -12.00 -39.47 2.30
CA PHE A 23 -11.37 -38.25 2.78
C PHE A 23 -12.34 -37.52 3.72
N THR A 24 -11.82 -37.10 4.86
CA THR A 24 -12.62 -36.38 5.85
C THR A 24 -11.80 -35.22 6.39
N PRO A 25 -12.32 -33.99 6.28
CA PRO A 25 -11.64 -32.78 6.76
C PRO A 25 -11.22 -32.94 8.21
N SER A 26 -9.95 -32.69 8.50
CA SER A 26 -9.45 -32.80 9.86
C SER A 26 -8.40 -31.75 10.16
N THR A 27 -8.21 -31.49 11.46
CA THR A 27 -7.23 -30.53 11.93
C THR A 27 -6.45 -31.19 13.06
N ALA A 28 -5.16 -30.92 13.12
CA ALA A 28 -4.31 -31.49 14.16
C ALA A 28 -3.17 -30.52 14.44
N LYS A 29 -3.26 -29.84 15.57
CA LYS A 29 -2.23 -28.88 15.95
C LYS A 29 -2.04 -27.83 14.86
N ASN A 30 -3.16 -27.29 14.39
CA ASN A 30 -3.18 -26.25 13.37
C ASN A 30 -2.85 -26.69 11.95
N LEU A 31 -2.90 -27.98 11.67
CA LEU A 31 -2.62 -28.46 10.32
C LEU A 31 -3.80 -29.25 9.80
N GLN A 32 -4.37 -28.80 8.69
CA GLN A 32 -5.49 -29.48 8.07
C GLN A 32 -4.97 -30.45 7.03
N ASN A 33 -5.85 -31.26 6.46
CA ASN A 33 -5.45 -32.21 5.43
C ASN A 33 -5.90 -31.71 4.05
N SER A 34 -6.19 -30.41 3.99
CA SER A 34 -6.59 -29.74 2.76
C SER A 34 -6.03 -28.32 2.86
N ILE A 35 -5.87 -27.67 1.72
CA ILE A 35 -5.30 -26.33 1.66
C ILE A 35 -6.07 -25.40 0.74
N LEU A 36 -6.06 -24.11 1.06
CA LEU A 36 -6.70 -23.11 0.19
C LEU A 36 -5.53 -22.46 -0.53
N LEU A 37 -5.50 -22.58 -1.86
CA LEU A 37 -4.41 -22.03 -2.64
C LEU A 37 -4.44 -20.52 -2.80
N THR A 38 -3.74 -19.83 -1.90
CA THR A 38 -3.62 -18.38 -1.93
C THR A 38 -2.41 -17.96 -1.10
N PRO A 39 -1.63 -17.00 -1.60
CA PRO A 39 -0.44 -16.56 -0.86
C PRO A 39 -0.84 -15.85 0.45
N LEU A 40 -2.04 -15.30 0.47
CA LEU A 40 -2.54 -14.60 1.66
C LEU A 40 -2.87 -15.59 2.78
N PRO A 41 -2.93 -15.11 4.03
CA PRO A 41 -3.23 -15.96 5.19
C PRO A 41 -4.55 -16.71 5.00
N SER A 42 -4.53 -18.00 5.29
CA SER A 42 -5.72 -18.84 5.19
C SER A 42 -5.69 -19.78 6.40
N ASP A 43 -6.87 -20.19 6.84
CA ASP A 43 -6.98 -21.08 8.00
C ASP A 43 -8.45 -21.36 8.23
N ILE A 44 -8.75 -22.28 9.15
CA ILE A 44 -10.14 -22.57 9.46
C ILE A 44 -10.66 -21.28 10.07
N VAL A 45 -11.76 -20.75 9.53
CA VAL A 45 -12.31 -19.51 10.05
C VAL A 45 -13.70 -19.74 10.64
N ASN A 46 -13.82 -19.49 11.94
CA ASN A 46 -15.09 -19.67 12.63
C ASN A 46 -15.71 -21.05 12.35
N ASN A 47 -14.90 -22.09 12.57
CA ASN A 47 -15.33 -23.47 12.37
C ASN A 47 -15.81 -23.82 10.96
N SER A 48 -15.19 -23.23 9.95
CA SER A 48 -15.55 -23.53 8.56
C SER A 48 -15.12 -24.97 8.31
N VAL A 49 -15.81 -25.65 7.39
CA VAL A 49 -15.45 -27.04 7.08
C VAL A 49 -14.03 -27.14 6.55
N LEU A 50 -13.69 -26.25 5.62
CA LEU A 50 -12.36 -26.21 5.02
C LEU A 50 -11.72 -24.84 5.27
N PRO A 51 -10.40 -24.73 5.07
CA PRO A 51 -9.70 -23.44 5.29
C PRO A 51 -10.25 -22.33 4.40
N GLU A 52 -10.37 -21.13 4.96
CA GLU A 52 -10.85 -19.98 4.19
C GLU A 52 -9.76 -18.91 4.31
N GLN A 53 -9.84 -17.87 3.49
CA GLN A 53 -8.83 -16.83 3.58
C GLN A 53 -9.05 -15.99 4.85
N GLU A 54 -7.97 -15.80 5.60
CA GLU A 54 -8.04 -15.01 6.84
C GLU A 54 -7.82 -13.53 6.53
N ARG A 55 -8.02 -12.71 7.55
CA ARG A 55 -7.82 -11.27 7.43
C ARG A 55 -6.67 -10.84 8.32
N TRP A 56 -6.18 -11.77 9.13
CA TRP A 56 -5.05 -11.49 10.01
C TRP A 56 -4.32 -12.77 10.40
N ILE A 57 -3.09 -12.58 10.87
CA ILE A 57 -2.23 -13.68 11.28
C ILE A 57 -2.17 -13.80 12.81
N SER A 58 -2.22 -15.03 13.30
CA SER A 58 -2.17 -15.29 14.73
C SER A 58 -1.07 -16.29 15.07
N PHE A 59 -0.52 -16.20 16.28
CA PHE A 59 0.51 -17.13 16.70
C PHE A 59 -0.17 -18.48 16.95
N ALA A 60 0.57 -19.57 16.74
CA ALA A 60 0.02 -20.89 16.98
C ALA A 60 -0.13 -21.09 18.49
N SER A 61 0.90 -20.70 19.23
CA SER A 61 0.92 -20.81 20.68
C SER A 61 0.16 -19.64 21.32
N PRO A 62 -0.64 -19.92 22.36
CA PRO A 62 -1.42 -18.88 23.05
C PRO A 62 -0.54 -18.11 24.04
N THR A 63 0.65 -18.64 24.30
CA THR A 63 1.58 -18.08 25.26
C THR A 63 2.79 -17.34 24.70
N THR A 64 3.68 -18.11 24.07
CA THR A 64 4.93 -17.63 23.50
C THR A 64 5.02 -16.25 22.85
N GLN A 65 3.97 -15.81 22.16
CA GLN A 65 4.00 -14.52 21.46
C GLN A 65 5.09 -14.56 20.40
N LYS A 66 5.36 -15.76 19.90
CA LYS A 66 6.37 -15.98 18.88
C LYS A 66 5.84 -16.97 17.84
N PRO A 67 6.35 -16.91 16.61
CA PRO A 67 5.88 -17.85 15.58
C PRO A 67 6.31 -19.27 15.97
N PRO A 68 5.85 -20.30 15.24
CA PRO A 68 4.97 -20.35 14.07
C PRO A 68 3.61 -19.69 14.27
N TYR A 69 2.96 -19.39 13.15
CA TYR A 69 1.64 -18.79 13.17
C TYR A 69 0.70 -19.97 12.89
N LYS A 70 -0.58 -19.82 13.24
CA LYS A 70 -1.53 -20.91 13.02
C LYS A 70 -2.15 -20.81 11.63
N THR A 71 -1.91 -19.68 11.00
CA THR A 71 -2.43 -19.39 9.67
C THR A 71 -1.40 -19.73 8.58
N LYS A 72 -1.86 -20.18 7.42
CA LYS A 72 -0.99 -20.54 6.29
C LYS A 72 -0.85 -19.41 5.28
N GLN A 73 0.39 -19.16 4.83
CA GLN A 73 0.63 -18.10 3.85
C GLN A 73 2.05 -18.10 3.33
N ASP A 74 2.28 -17.37 2.25
CA ASP A 74 3.62 -17.23 1.68
C ASP A 74 4.18 -15.99 2.39
N TRP A 75 4.96 -16.23 3.44
CA TRP A 75 5.52 -15.14 4.22
C TRP A 75 6.22 -14.10 3.36
N ASN A 76 6.96 -14.56 2.35
CA ASN A 76 7.68 -13.67 1.45
C ASN A 76 6.75 -12.78 0.64
N PHE A 77 5.56 -13.29 0.33
CA PHE A 77 4.58 -12.52 -0.42
C PHE A 77 3.93 -11.49 0.49
N ILE A 78 3.50 -11.92 1.68
CA ILE A 78 2.86 -11.03 2.64
C ILE A 78 3.80 -9.90 3.05
N MET A 79 5.04 -10.26 3.37
CA MET A 79 6.01 -9.25 3.80
C MET A 79 6.46 -8.31 2.68
N PHE A 80 6.28 -8.74 1.44
CA PHE A 80 6.66 -7.90 0.31
C PHE A 80 5.72 -8.02 -0.87
N SER A 81 4.65 -7.24 -0.85
CA SER A 81 3.67 -7.22 -1.93
C SER A 81 3.24 -5.77 -2.14
N PRO A 82 4.14 -4.94 -2.70
CA PRO A 82 3.95 -3.51 -2.98
C PRO A 82 2.98 -3.22 -4.14
N PHE A 83 1.87 -3.94 -4.18
CA PHE A 83 0.89 -3.75 -5.23
C PHE A 83 -0.49 -4.10 -4.68
N THR A 84 -1.54 -3.56 -5.28
CA THR A 84 -2.91 -3.78 -4.83
C THR A 84 -3.56 -5.01 -5.46
N TYR A 85 -3.23 -5.29 -6.72
CA TYR A 85 -3.81 -6.43 -7.43
C TYR A 85 -2.69 -7.19 -8.14
N TYR A 86 -2.93 -8.47 -8.40
CA TYR A 86 -1.95 -9.28 -9.10
C TYR A 86 -2.63 -10.33 -9.96
N LYS A 87 -1.92 -10.80 -10.97
CA LYS A 87 -2.41 -11.78 -11.92
C LYS A 87 -1.27 -12.75 -12.21
N CYS A 88 -1.56 -14.04 -12.25
CA CYS A 88 -0.52 -15.04 -12.52
C CYS A 88 -1.06 -16.46 -12.52
N ASP A 89 -0.19 -17.39 -12.90
CA ASP A 89 -0.51 -18.81 -12.91
C ASP A 89 0.22 -19.30 -11.67
N LEU A 90 -0.15 -20.47 -11.17
CA LEU A 90 0.49 -20.96 -9.95
C LEU A 90 1.17 -22.32 -10.10
N GLU A 91 2.47 -22.34 -9.83
CA GLU A 91 3.22 -23.59 -9.88
C GLU A 91 3.29 -24.06 -8.44
N VAL A 92 2.69 -25.22 -8.18
CA VAL A 92 2.67 -25.75 -6.82
C VAL A 92 3.62 -26.93 -6.66
N THR A 93 4.31 -26.96 -5.53
CA THR A 93 5.22 -28.06 -5.22
C THR A 93 4.82 -28.59 -3.85
N LEU A 94 4.68 -29.90 -3.76
CA LEU A 94 4.27 -30.55 -2.53
C LEU A 94 5.35 -31.58 -2.16
N SER A 95 5.94 -31.42 -0.97
CA SER A 95 7.01 -32.32 -0.54
C SER A 95 6.76 -33.01 0.81
N LYS A 96 7.06 -34.31 0.86
CA LYS A 96 6.87 -35.10 2.08
C LYS A 96 8.00 -34.77 3.06
N ASN A 97 7.65 -34.44 4.31
CA ASN A 97 8.64 -34.05 5.31
C ASN A 97 9.61 -35.10 5.86
N ASP A 98 9.47 -36.35 5.45
CA ASP A 98 10.39 -37.38 5.91
C ASP A 98 10.65 -38.37 4.77
N ARG A 99 11.64 -39.23 4.93
CA ARG A 99 12.01 -40.16 3.88
C ARG A 99 11.22 -41.47 3.75
N GLU A 100 10.18 -41.63 4.54
CA GLU A 100 9.36 -42.84 4.44
C GLU A 100 8.72 -42.84 3.06
N THR A 101 8.73 -43.99 2.39
CA THR A 101 8.15 -44.09 1.05
C THR A 101 6.77 -43.45 1.00
N ILE A 102 6.57 -42.57 0.02
CA ILE A 102 5.31 -41.88 -0.14
C ILE A 102 4.24 -42.77 -0.76
N SER A 103 2.99 -42.45 -0.44
CA SER A 103 1.82 -43.16 -0.93
C SER A 103 0.69 -42.17 -0.66
N SER A 104 0.49 -41.27 -1.61
CA SER A 104 -0.52 -40.23 -1.43
C SER A 104 -1.31 -39.89 -2.70
N VAL A 105 -2.50 -39.35 -2.49
CA VAL A 105 -3.37 -38.93 -3.58
C VAL A 105 -3.78 -37.50 -3.27
N VAL A 106 -3.62 -36.61 -4.23
CA VAL A 106 -3.99 -35.21 -4.06
C VAL A 106 -5.03 -34.80 -5.09
N ARG A 107 -6.02 -34.05 -4.65
CA ARG A 107 -7.07 -33.58 -5.55
C ARG A 107 -7.00 -32.06 -5.65
N TYR A 108 -6.98 -31.55 -6.87
CA TYR A 108 -6.96 -30.12 -7.08
C TYR A 108 -8.37 -29.68 -7.49
N VAL A 109 -8.91 -28.69 -6.78
CA VAL A 109 -10.24 -28.19 -7.07
C VAL A 109 -10.12 -26.73 -7.51
N PRO A 110 -10.54 -26.43 -8.75
CA PRO A 110 -10.48 -25.06 -9.30
C PRO A 110 -11.17 -24.06 -8.37
N CYS A 111 -10.74 -22.80 -8.47
CA CYS A 111 -11.30 -21.73 -7.65
C CYS A 111 -12.83 -21.70 -7.61
N GLY A 112 -13.38 -21.89 -6.41
CA GLY A 112 -14.82 -21.84 -6.24
C GLY A 112 -15.63 -23.03 -6.70
N ALA A 113 -14.98 -24.07 -7.19
CA ALA A 113 -15.68 -25.26 -7.64
C ALA A 113 -16.09 -26.13 -6.44
N PRO A 114 -17.03 -27.06 -6.64
CA PRO A 114 -17.48 -27.95 -5.55
C PRO A 114 -16.34 -28.76 -4.95
N SER A 115 -16.29 -28.84 -3.62
CA SER A 115 -15.24 -29.59 -2.93
C SER A 115 -15.50 -31.09 -3.06
N ASP A 116 -16.78 -31.46 -3.14
CA ASP A 116 -17.20 -32.85 -3.27
C ASP A 116 -16.58 -33.75 -2.20
N LEU A 117 -16.90 -33.46 -0.94
CA LEU A 117 -16.39 -34.24 0.19
C LEU A 117 -17.33 -35.42 0.44
N SER A 118 -17.56 -36.20 -0.61
CA SER A 118 -18.47 -37.35 -0.56
C SER A 118 -17.83 -38.67 -0.14
N ASP A 119 -18.67 -39.70 0.00
CA ASP A 119 -18.21 -41.03 0.39
C ASP A 119 -17.59 -41.71 -0.82
N GLN A 120 -16.93 -42.84 -0.58
CA GLN A 120 -16.33 -43.61 -1.65
C GLN A 120 -17.51 -44.25 -2.38
N THR A 121 -17.43 -44.36 -3.70
CA THR A 121 -18.51 -44.98 -4.45
C THR A 121 -18.18 -46.46 -4.64
N MET A 122 -16.92 -46.79 -4.39
CA MET A 122 -16.42 -48.16 -4.49
C MET A 122 -15.50 -48.42 -3.31
N PRO A 123 -15.56 -49.64 -2.74
CA PRO A 123 -14.74 -50.05 -1.59
C PRO A 123 -13.23 -49.94 -1.79
N GLN A 124 -12.53 -49.56 -0.73
CA GLN A 124 -11.07 -49.47 -0.75
C GLN A 124 -10.43 -48.65 -1.86
N THR A 125 -11.02 -47.50 -2.17
CA THR A 125 -10.46 -46.62 -3.20
C THR A 125 -10.33 -45.22 -2.63
N PRO A 126 -9.31 -44.46 -3.07
CA PRO A 126 -9.17 -43.10 -2.52
C PRO A 126 -10.30 -42.23 -3.08
N SER A 127 -11.16 -41.74 -2.18
CA SER A 127 -12.29 -40.92 -2.61
C SER A 127 -11.87 -39.65 -3.35
N LEU A 128 -10.67 -39.14 -3.04
CA LEU A 128 -10.19 -37.93 -3.70
C LEU A 128 -9.94 -38.16 -5.19
N ALA A 129 -9.61 -39.40 -5.55
CA ALA A 129 -9.34 -39.76 -6.94
C ALA A 129 -10.63 -40.02 -7.70
N ASP A 130 -11.74 -40.12 -6.98
CA ASP A 130 -13.05 -40.39 -7.57
C ASP A 130 -13.61 -39.07 -8.11
N THR A 131 -12.90 -38.49 -9.07
CA THR A 131 -13.29 -37.21 -9.64
C THR A 131 -12.66 -36.99 -11.02
N ARG A 132 -13.16 -36.01 -11.76
CA ARG A 132 -12.59 -35.69 -13.06
C ARG A 132 -11.67 -34.49 -12.84
N ASP A 133 -11.74 -33.92 -11.63
CA ASP A 133 -10.89 -32.79 -11.26
C ASP A 133 -9.46 -33.24 -11.40
N PRO A 134 -8.54 -32.29 -11.65
CA PRO A 134 -7.16 -32.73 -11.79
C PRO A 134 -6.68 -33.33 -10.46
N HIS A 135 -6.15 -34.54 -10.49
CA HIS A 135 -5.62 -35.14 -9.28
C HIS A 135 -4.32 -35.88 -9.56
N MET A 136 -3.47 -35.96 -8.55
CA MET A 136 -2.17 -36.61 -8.68
C MET A 136 -2.07 -37.80 -7.73
N TRP A 137 -1.38 -38.85 -8.18
CA TRP A 137 -1.21 -40.04 -7.36
C TRP A 137 0.25 -40.49 -7.43
N VAL A 138 0.97 -40.37 -6.32
CA VAL A 138 2.37 -40.77 -6.28
C VAL A 138 2.58 -41.85 -5.20
N VAL A 139 3.30 -42.91 -5.53
CA VAL A 139 3.55 -44.00 -4.59
C VAL A 139 4.65 -44.95 -5.04
N GLY A 140 5.43 -45.46 -4.08
CA GLY A 140 6.48 -46.41 -4.41
C GLY A 140 7.90 -45.97 -4.11
N GLN A 141 8.81 -46.93 -4.11
CA GLN A 141 10.23 -46.66 -3.84
C GLN A 141 10.97 -46.14 -5.06
N GLY A 142 10.24 -45.98 -6.16
CA GLY A 142 10.85 -45.45 -7.37
C GLY A 142 10.63 -43.96 -7.40
N THR A 143 9.67 -43.49 -6.60
CA THR A 143 9.34 -42.07 -6.54
C THR A 143 10.35 -41.31 -5.68
N THR A 144 10.24 -39.99 -5.69
CA THR A 144 11.16 -39.15 -4.92
C THR A 144 10.42 -38.25 -3.90
N ASN A 145 9.35 -38.80 -3.33
CA ASN A 145 8.54 -38.14 -2.31
C ASN A 145 8.04 -36.71 -2.51
N GLN A 146 7.84 -36.32 -3.77
CA GLN A 146 7.35 -34.98 -4.04
C GLN A 146 6.44 -34.93 -5.27
N ILE A 147 5.75 -33.81 -5.41
CA ILE A 147 4.85 -33.59 -6.52
C ILE A 147 4.92 -32.13 -6.90
N SER A 148 4.88 -31.85 -8.20
CA SER A 148 4.91 -30.47 -8.66
C SER A 148 4.06 -30.42 -9.91
N PHE A 149 3.44 -29.27 -10.15
CA PHE A 149 2.58 -29.09 -11.31
C PHE A 149 2.23 -27.62 -11.36
N VAL A 150 1.67 -27.18 -12.48
CA VAL A 150 1.28 -25.79 -12.62
C VAL A 150 -0.19 -25.73 -13.03
N ILE A 151 -0.92 -24.81 -12.40
CA ILE A 151 -2.33 -24.62 -12.70
C ILE A 151 -2.55 -23.20 -13.20
N PRO A 152 -3.55 -23.01 -14.06
CA PRO A 152 -3.83 -21.67 -14.59
C PRO A 152 -4.63 -20.86 -13.60
N TYR A 153 -4.69 -19.55 -13.82
CA TYR A 153 -5.47 -18.67 -12.98
C TYR A 153 -6.91 -19.10 -13.23
N THR A 154 -7.65 -19.47 -12.19
CA THR A 154 -9.04 -19.93 -12.37
C THR A 154 -10.12 -19.08 -11.72
N SER A 155 -9.72 -18.04 -11.01
CA SER A 155 -10.70 -17.19 -10.34
C SER A 155 -11.60 -16.46 -11.33
N PRO A 156 -12.87 -16.22 -10.96
CA PRO A 156 -13.80 -15.51 -11.85
C PRO A 156 -13.48 -14.02 -11.87
N LEU A 157 -12.58 -13.61 -10.99
CA LEU A 157 -12.16 -12.20 -10.91
C LEU A 157 -11.08 -11.98 -11.97
N SER A 158 -10.99 -10.77 -12.49
CA SER A 158 -9.99 -10.45 -13.51
C SER A 158 -8.60 -10.45 -12.89
N VAL A 159 -8.49 -9.81 -11.72
CA VAL A 159 -7.23 -9.75 -10.99
C VAL A 159 -7.56 -9.98 -9.52
N LEU A 160 -6.60 -10.52 -8.77
CA LEU A 160 -6.80 -10.81 -7.36
C LEU A 160 -6.25 -9.72 -6.45
N PRO A 161 -6.94 -9.45 -5.33
CA PRO A 161 -6.46 -8.42 -4.39
C PRO A 161 -5.28 -9.05 -3.64
N SER A 162 -4.15 -8.36 -3.62
CA SER A 162 -2.95 -8.88 -2.97
C SER A 162 -2.89 -8.70 -1.47
N VAL A 163 -3.59 -7.68 -0.95
CA VAL A 163 -3.58 -7.44 0.48
C VAL A 163 -4.98 -7.32 1.05
N TRP A 164 -5.64 -6.19 0.80
CA TRP A 164 -6.97 -5.96 1.32
C TRP A 164 -8.02 -5.82 0.21
N PHE A 165 -9.26 -6.10 0.57
CA PHE A 165 -10.40 -5.96 -0.34
C PHE A 165 -11.42 -5.14 0.45
N ASN A 166 -11.51 -3.86 0.15
CA ASN A 166 -12.42 -2.97 0.88
C ASN A 166 -13.89 -3.20 0.58
N GLY A 167 -14.39 -4.38 0.94
CA GLY A 167 -15.79 -4.67 0.70
C GLY A 167 -16.25 -6.03 1.19
N PHE A 168 -17.50 -6.36 0.89
CA PHE A 168 -18.12 -7.63 1.27
C PHE A 168 -18.22 -8.51 0.05
N SER A 169 -18.51 -9.80 0.24
CA SER A 169 -18.61 -10.74 -0.86
C SER A 169 -20.03 -11.18 -1.20
N ASN A 170 -21.01 -10.75 -0.40
CA ASN A 170 -22.40 -11.11 -0.65
C ASN A 170 -23.33 -9.89 -0.67
N PHE A 171 -24.52 -10.07 -1.23
CA PHE A 171 -25.47 -8.98 -1.37
C PHE A 171 -26.14 -8.44 -0.11
N ASP A 172 -26.02 -9.14 1.00
CA ASP A 172 -26.62 -8.66 2.24
C ASP A 172 -25.49 -8.15 3.13
N ASN A 173 -24.32 -7.98 2.52
CA ASN A 173 -23.12 -7.49 3.19
C ASN A 173 -22.95 -8.07 4.59
N SER A 174 -23.05 -9.38 4.70
CA SER A 174 -22.92 -10.06 5.97
C SER A 174 -21.60 -10.84 6.09
N SER A 175 -20.88 -10.96 4.97
CA SER A 175 -19.61 -11.67 4.98
C SER A 175 -18.57 -10.92 5.78
N ARG A 176 -17.37 -11.48 5.87
CA ARG A 176 -16.28 -10.85 6.60
C ARG A 176 -15.67 -9.74 5.76
N PHE A 177 -15.96 -8.49 6.13
CA PHE A 177 -15.45 -7.33 5.43
C PHE A 177 -13.93 -7.42 5.29
N GLY A 178 -13.43 -7.21 4.08
CA GLY A 178 -12.00 -7.25 3.84
C GLY A 178 -11.56 -8.42 2.96
N VAL A 179 -12.43 -9.41 2.80
CA VAL A 179 -12.13 -10.58 1.98
C VAL A 179 -12.94 -10.59 0.69
N ALA A 180 -12.24 -10.66 -0.43
CA ALA A 180 -12.89 -10.67 -1.74
C ALA A 180 -13.47 -12.04 -2.04
N PRO A 181 -14.54 -12.07 -2.86
CA PRO A 181 -15.16 -13.35 -3.22
C PRO A 181 -14.31 -14.14 -4.22
N ASN A 182 -14.09 -15.41 -3.93
CA ASN A 182 -13.32 -16.28 -4.82
C ASN A 182 -11.94 -15.75 -5.18
N ALA A 183 -11.23 -15.19 -4.19
CA ALA A 183 -9.89 -14.67 -4.44
C ALA A 183 -8.84 -15.72 -4.09
N ASP A 184 -8.75 -16.76 -4.90
CA ASP A 184 -7.79 -17.84 -4.70
C ASP A 184 -7.54 -18.61 -5.99
N PHE A 185 -6.70 -19.64 -5.91
CA PHE A 185 -6.39 -20.47 -7.07
C PHE A 185 -6.96 -21.87 -6.92
N GLY A 186 -7.93 -22.02 -6.02
CA GLY A 186 -8.53 -23.32 -5.81
C GLY A 186 -8.05 -23.94 -4.51
N ARG A 187 -8.20 -25.25 -4.38
CA ARG A 187 -7.77 -25.93 -3.16
C ARG A 187 -7.08 -27.25 -3.46
N LEU A 188 -6.36 -27.76 -2.47
CA LEU A 188 -5.68 -29.05 -2.57
C LEU A 188 -6.10 -29.93 -1.41
N LEU A 189 -6.73 -31.06 -1.73
CA LEU A 189 -7.15 -32.00 -0.69
C LEU A 189 -6.18 -33.17 -0.78
N LEU A 190 -5.72 -33.66 0.35
CA LEU A 190 -4.76 -34.75 0.36
C LEU A 190 -5.12 -35.91 1.28
N GLN A 191 -4.83 -37.12 0.85
CA GLN A 191 -5.06 -38.30 1.66
C GLN A 191 -3.85 -39.22 1.50
N GLY A 192 -3.55 -39.96 2.56
CA GLY A 192 -2.39 -40.83 2.57
C GLY A 192 -1.61 -40.35 3.79
N GLN A 193 -0.75 -41.20 4.34
CA GLN A 193 0.01 -40.84 5.53
C GLN A 193 1.14 -39.83 5.33
N GLY A 194 1.27 -38.90 6.26
CA GLY A 194 2.36 -37.93 6.18
C GLY A 194 2.05 -36.46 6.33
N THR A 195 3.12 -35.68 6.47
CA THR A 195 3.04 -34.24 6.58
C THR A 195 3.79 -33.71 5.35
N PHE A 196 3.15 -32.81 4.61
CA PHE A 196 3.73 -32.27 3.38
C PHE A 196 3.82 -30.76 3.36
N SER A 197 4.99 -30.23 2.97
CA SER A 197 5.17 -28.79 2.88
C SER A 197 4.82 -28.36 1.46
N VAL A 198 4.29 -27.15 1.33
CA VAL A 198 3.88 -26.64 0.03
C VAL A 198 4.59 -25.35 -0.38
N HIS A 199 4.93 -25.27 -1.66
CA HIS A 199 5.60 -24.11 -2.24
C HIS A 199 4.74 -23.53 -3.35
N TYR A 200 4.84 -22.23 -3.56
CA TYR A 200 4.11 -21.56 -4.64
C TYR A 200 5.16 -20.87 -5.51
N ARG A 201 4.92 -20.87 -6.81
CA ARG A 201 5.81 -20.18 -7.74
C ARG A 201 4.86 -19.44 -8.66
N TYR A 202 5.00 -18.11 -8.68
CA TYR A 202 4.13 -17.26 -9.48
C TYR A 202 4.60 -17.09 -10.92
N LYS A 203 3.93 -17.81 -11.82
CA LYS A 203 4.26 -17.78 -13.24
C LYS A 203 3.60 -16.60 -13.94
N LYS A 204 4.32 -16.01 -14.90
CA LYS A 204 3.84 -14.85 -15.67
C LYS A 204 3.14 -13.87 -14.73
N MET A 205 3.84 -13.51 -13.66
CA MET A 205 3.34 -12.60 -12.65
C MET A 205 3.20 -11.17 -13.15
N ARG A 206 2.03 -10.59 -12.90
CA ARG A 206 1.73 -9.21 -13.29
C ARG A 206 1.09 -8.52 -12.08
N VAL A 207 1.55 -7.31 -11.78
CA VAL A 207 1.01 -6.59 -10.64
C VAL A 207 0.47 -5.22 -11.03
N PHE A 208 -0.49 -4.72 -10.25
CA PHE A 208 -1.12 -3.43 -10.53
C PHE A 208 -1.28 -2.55 -9.30
N CYS A 209 -1.19 -1.25 -9.51
CA CYS A 209 -1.37 -0.24 -8.46
C CYS A 209 -0.42 -0.36 -7.27
N PRO A 210 0.71 0.35 -7.31
CA PRO A 210 1.69 0.33 -6.22
C PRO A 210 1.06 0.71 -4.88
N ARG A 211 1.48 0.04 -3.81
CA ARG A 211 0.96 0.33 -2.49
C ARG A 211 2.00 -0.01 -1.43
N PRO A 212 1.84 0.52 -0.21
CA PRO A 212 2.78 0.27 0.89
C PRO A 212 3.07 -1.19 1.23
N THR A 213 4.30 -1.42 1.69
CA THR A 213 4.80 -2.72 2.11
C THR A 213 4.49 -2.85 3.60
N VAL A 214 4.61 -4.06 4.15
CA VAL A 214 4.36 -4.25 5.58
C VAL A 214 5.41 -3.46 6.36
N PHE A 215 4.95 -2.74 7.37
CA PHE A 215 5.82 -1.93 8.22
C PHE A 215 6.81 -2.81 8.97
N ILE A 216 8.01 -2.28 9.20
CA ILE A 216 9.04 -3.01 9.93
C ILE A 216 9.42 -2.19 11.17
N PRO A 217 9.52 -2.84 12.34
CA PRO A 217 9.88 -2.17 13.59
C PRO A 217 11.16 -1.34 13.46
N TRP A 218 11.18 -0.16 14.07
CA TRP A 218 12.35 0.71 14.01
C TRP A 218 13.53 0.15 14.80
N PRO A 219 14.66 -0.10 14.13
CA PRO A 219 15.89 -0.63 14.75
C PRO A 219 16.37 0.18 15.94
N LEU B 1 10.04 -2.35 -10.48
CA LEU B 1 10.06 -1.91 -9.09
C LEU B 1 10.89 -0.64 -8.93
N LEU B 2 11.78 -0.37 -9.88
CA LEU B 2 12.60 0.84 -9.82
C LEU B 2 11.73 2.08 -9.82
N SER B 3 10.56 1.98 -10.47
CA SER B 3 9.62 3.10 -10.53
C SER B 3 9.37 3.60 -9.11
N LEU B 4 9.13 2.65 -8.22
CA LEU B 4 8.85 2.95 -6.82
C LEU B 4 10.04 3.63 -6.15
N CYS B 5 11.24 3.12 -6.40
CA CYS B 5 12.45 3.68 -5.81
C CYS B 5 12.66 5.15 -6.15
N LYS B 6 12.14 5.57 -7.29
CA LYS B 6 12.30 6.94 -7.72
C LYS B 6 11.27 7.92 -7.19
N ILE B 7 10.28 7.41 -6.46
CA ILE B 7 9.26 8.27 -5.88
C ILE B 7 9.80 8.83 -4.56
N PRO B 8 9.96 10.16 -4.46
CA PRO B 8 10.47 10.74 -3.21
C PRO B 8 9.56 10.38 -2.05
N THR B 9 10.15 9.79 -1.01
CA THR B 9 9.40 9.40 0.19
C THR B 9 10.07 10.01 1.42
N PHE B 10 9.34 10.11 2.53
CA PHE B 10 9.84 10.73 3.75
C PHE B 10 10.92 10.05 4.58
N LEU B 11 11.84 10.87 5.08
CA LEU B 11 12.92 10.43 5.94
C LEU B 11 12.43 10.63 7.37
N GLY B 12 12.94 9.81 8.30
CA GLY B 12 12.53 9.93 9.69
C GLY B 12 13.53 10.67 10.53
N ASN B 13 13.22 11.93 10.85
CA ASN B 13 14.10 12.77 11.66
C ASN B 13 13.67 12.66 13.12
N LEU B 14 14.61 12.94 14.02
CA LEU B 14 14.29 12.86 15.42
C LEU B 14 13.83 14.18 16.04
N ASP B 15 12.71 14.06 16.72
CA ASP B 15 12.04 15.15 17.43
C ASP B 15 12.83 15.41 18.72
N SER B 16 12.60 16.54 19.37
CA SER B 16 13.31 16.86 20.60
C SER B 16 13.03 15.81 21.69
N ASN B 17 11.93 15.07 21.52
CA ASN B 17 11.55 14.02 22.46
C ASN B 17 11.82 12.65 21.86
N LYS B 18 12.79 12.61 20.94
CA LYS B 18 13.18 11.38 20.27
C LYS B 18 12.05 10.72 19.50
N LYS B 19 11.08 11.54 19.06
CA LYS B 19 9.96 11.03 18.27
C LYS B 19 10.35 11.21 16.80
N ARG B 20 9.80 10.38 15.93
CA ARG B 20 10.14 10.46 14.51
C ARG B 20 9.22 11.39 13.71
N ILE B 21 9.82 12.38 13.05
CA ILE B 21 9.06 13.34 12.23
C ILE B 21 9.67 13.48 10.83
N PRO B 22 8.85 13.81 9.83
CA PRO B 22 9.30 13.98 8.44
C PRO B 22 10.01 15.30 8.10
N TYR B 23 10.49 16.01 9.12
CA TYR B 23 11.17 17.28 8.89
C TYR B 23 12.13 17.65 10.01
N PHE B 24 12.88 18.72 9.79
CA PHE B 24 13.81 19.23 10.80
C PHE B 24 13.55 20.73 10.94
N SER B 25 14.00 21.31 12.06
CA SER B 25 13.79 22.74 12.30
C SER B 25 14.99 23.62 12.01
N ALA B 26 14.70 24.88 11.74
CA ALA B 26 15.74 25.87 11.46
C ALA B 26 15.20 27.20 11.97
N THR B 27 16.10 28.08 12.38
CA THR B 27 15.67 29.38 12.89
C THR B 27 16.70 30.48 12.60
N ASN B 28 16.54 31.62 13.25
CA ASN B 28 17.41 32.77 13.06
C ASN B 28 18.81 32.64 13.68
N SER B 29 19.55 31.62 13.24
CA SER B 29 20.92 31.40 13.74
C SER B 29 21.62 30.39 12.83
N THR B 30 22.94 30.39 12.87
CA THR B 30 23.73 29.46 12.06
C THR B 30 24.62 28.57 12.93
N PRO B 31 24.08 27.41 13.35
CA PRO B 31 24.81 26.44 14.19
C PRO B 31 26.17 26.07 13.60
N ALA B 32 27.13 25.75 14.47
CA ALA B 32 28.46 25.36 14.02
C ALA B 32 28.48 23.88 13.65
N THR B 33 27.33 23.23 13.83
CA THR B 33 27.16 21.81 13.52
C THR B 33 26.00 21.64 12.52
N PRO B 34 26.00 20.54 11.76
CA PRO B 34 24.92 20.31 10.78
C PRO B 34 23.55 20.15 11.42
N LEU B 35 22.52 20.64 10.74
CA LEU B 35 21.15 20.53 11.24
C LEU B 35 20.72 19.08 11.23
N VAL B 36 21.14 18.34 10.20
CA VAL B 36 20.84 16.92 10.07
C VAL B 36 22.02 16.23 9.39
N THR B 37 22.18 14.95 9.67
CA THR B 37 23.26 14.16 9.09
C THR B 37 22.72 12.78 8.71
N TYR B 38 22.81 12.45 7.44
CA TYR B 38 22.34 11.17 6.94
C TYR B 38 23.53 10.42 6.38
N GLN B 39 23.79 9.21 6.88
CA GLN B 39 24.89 8.44 6.34
C GLN B 39 24.38 7.83 5.05
N VAL B 40 25.13 7.95 3.96
CA VAL B 40 24.65 7.38 2.71
C VAL B 40 24.81 5.87 2.68
N THR B 41 23.72 5.20 3.04
CA THR B 41 23.61 3.74 3.07
C THR B 41 22.11 3.54 2.94
N LEU B 42 21.69 2.58 2.13
CA LEU B 42 20.26 2.35 1.98
C LEU B 42 19.80 1.65 3.26
N SER B 43 20.74 1.53 4.18
CA SER B 43 20.53 0.90 5.47
C SER B 43 20.28 1.94 6.59
N CYS B 44 20.49 3.22 6.28
CA CYS B 44 20.29 4.32 7.24
C CYS B 44 18.95 4.17 7.95
N SER B 45 18.96 4.27 9.27
CA SER B 45 17.72 4.17 10.02
C SER B 45 16.87 5.36 9.61
N CYS B 46 17.56 6.40 9.16
CA CYS B 46 16.91 7.64 8.74
C CYS B 46 15.94 7.46 7.58
N MET B 47 16.25 6.57 6.65
CA MET B 47 15.40 6.32 5.50
C MET B 47 14.74 4.94 5.57
N ALA B 48 14.81 4.32 6.75
CA ALA B 48 14.25 2.99 6.96
C ALA B 48 12.83 2.77 6.46
N ASN B 49 12.00 3.80 6.50
CA ASN B 49 10.62 3.64 6.06
C ASN B 49 10.26 4.34 4.75
N SER B 50 11.28 4.69 3.98
CA SER B 50 11.06 5.33 2.69
C SER B 50 10.82 4.19 1.69
N MET B 51 10.12 4.48 0.60
CA MET B 51 9.87 3.45 -0.40
C MET B 51 11.22 2.94 -0.94
N LEU B 52 12.18 3.86 -1.10
CA LEU B 52 13.50 3.51 -1.59
C LEU B 52 14.11 2.39 -0.77
N ALA B 53 14.15 2.57 0.55
CA ALA B 53 14.71 1.57 1.46
C ALA B 53 13.86 0.30 1.50
N ALA B 54 12.55 0.47 1.44
CA ALA B 54 11.62 -0.66 1.47
C ALA B 54 11.90 -1.61 0.31
N VAL B 55 12.15 -1.04 -0.87
CA VAL B 55 12.44 -1.84 -2.05
C VAL B 55 13.88 -2.37 -1.99
N ALA B 56 14.82 -1.50 -1.64
CA ALA B 56 16.22 -1.87 -1.54
C ALA B 56 16.47 -3.04 -0.58
N ARG B 57 15.63 -3.15 0.44
CA ARG B 57 15.78 -4.23 1.41
C ARG B 57 15.63 -5.59 0.75
N ASN B 58 14.97 -5.63 -0.39
CA ASN B 58 14.74 -6.88 -1.11
C ASN B 58 15.72 -7.12 -2.25
N PHE B 59 16.80 -6.34 -2.26
CA PHE B 59 17.83 -6.46 -3.29
C PHE B 59 19.20 -6.43 -2.61
N ASN B 60 20.19 -7.02 -3.27
CA ASN B 60 21.52 -7.09 -2.69
C ASN B 60 22.40 -5.86 -2.92
N GLN B 61 22.40 -5.33 -4.14
CA GLN B 61 23.24 -4.18 -4.44
C GLN B 61 22.56 -3.07 -5.22
N TYR B 62 23.11 -1.87 -5.11
CA TYR B 62 22.58 -0.71 -5.83
C TYR B 62 23.72 0.00 -6.54
N ARG B 63 23.35 0.96 -7.37
CA ARG B 63 24.31 1.76 -8.13
C ARG B 63 23.55 2.96 -8.64
N GLY B 64 24.23 4.09 -8.79
CA GLY B 64 23.56 5.27 -9.29
C GLY B 64 23.30 6.37 -8.30
N SER B 65 22.68 7.44 -8.79
CA SER B 65 22.37 8.61 -8.00
C SER B 65 21.26 8.42 -6.97
N LEU B 66 21.31 9.24 -5.92
CA LEU B 66 20.31 9.24 -4.88
C LEU B 66 19.80 10.68 -4.82
N ASN B 67 18.50 10.86 -4.74
CA ASN B 67 17.93 12.21 -4.68
C ASN B 67 17.38 12.52 -3.30
N TYR B 68 17.91 13.57 -2.69
CA TYR B 68 17.44 14.01 -1.38
C TYR B 68 16.66 15.30 -1.64
N LEU B 69 15.35 15.22 -1.46
CA LEU B 69 14.47 16.36 -1.69
C LEU B 69 14.14 17.08 -0.39
N PHE B 70 14.39 18.39 -0.38
CA PHE B 70 14.09 19.20 0.79
C PHE B 70 13.01 20.21 0.42
N VAL B 71 11.96 20.27 1.23
CA VAL B 71 10.88 21.20 0.97
C VAL B 71 10.71 22.18 2.12
N PHE B 72 10.92 23.47 1.85
CA PHE B 72 10.79 24.49 2.88
C PHE B 72 9.32 24.77 3.15
N THR B 73 8.92 24.63 4.42
CA THR B 73 7.54 24.85 4.82
C THR B 73 7.35 26.09 5.68
N GLY B 74 8.41 26.87 5.86
CA GLY B 74 8.31 28.09 6.64
C GLY B 74 7.37 29.07 5.96
N SER B 75 7.21 30.26 6.52
CA SER B 75 6.31 31.25 5.92
C SER B 75 6.91 31.82 4.63
N ALA B 76 6.08 32.52 3.87
CA ALA B 76 6.53 33.12 2.62
C ALA B 76 7.46 34.30 2.92
N MET B 77 7.36 34.82 4.14
CA MET B 77 8.18 35.95 4.57
C MET B 77 9.55 35.52 5.09
N THR B 78 9.73 34.23 5.29
CA THR B 78 11.00 33.71 5.79
C THR B 78 12.00 33.46 4.66
N LYS B 79 13.24 33.89 4.87
CA LYS B 79 14.30 33.70 3.90
C LYS B 79 15.47 32.98 4.56
N GLY B 80 16.47 32.61 3.76
CA GLY B 80 17.63 31.92 4.31
C GLY B 80 18.34 31.06 3.29
N LYS B 81 19.54 30.61 3.63
CA LYS B 81 20.33 29.77 2.75
C LYS B 81 20.94 28.59 3.50
N PHE B 82 20.88 27.42 2.88
CA PHE B 82 21.44 26.20 3.44
C PHE B 82 22.56 25.71 2.55
N LEU B 83 23.50 24.97 3.13
CA LEU B 83 24.58 24.41 2.34
C LEU B 83 24.46 22.89 2.52
N ILE B 84 23.96 22.22 1.47
CA ILE B 84 23.79 20.78 1.51
C ILE B 84 25.07 20.15 0.98
N SER B 85 25.71 19.35 1.82
CA SER B 85 26.97 18.73 1.47
C SER B 85 26.98 17.20 1.49
N TYR B 86 27.69 16.62 0.53
CA TYR B 86 27.86 15.18 0.47
C TYR B 86 29.36 14.92 0.63
N THR B 87 29.74 14.34 1.76
CA THR B 87 31.14 14.05 2.03
C THR B 87 31.48 12.58 1.81
N PRO B 88 32.34 12.28 0.84
CA PRO B 88 32.73 10.90 0.58
C PRO B 88 33.54 10.45 1.80
N PRO B 89 33.59 9.14 2.07
CA PRO B 89 34.35 8.63 3.22
C PRO B 89 35.88 8.66 3.05
N GLY B 90 36.58 8.17 4.07
CA GLY B 90 38.03 8.14 4.03
C GLY B 90 38.67 9.03 5.07
N ALA B 91 38.08 10.18 5.33
CA ALA B 91 38.61 11.12 6.32
C ALA B 91 37.57 11.38 7.39
N GLY B 92 36.59 10.50 7.49
CA GLY B 92 35.55 10.65 8.49
C GLY B 92 34.55 11.75 8.19
N GLU B 93 33.57 11.84 9.07
CA GLU B 93 32.49 12.81 8.98
C GLU B 93 33.02 14.25 9.09
N PRO B 94 32.46 15.19 8.30
CA PRO B 94 32.92 16.59 8.36
C PRO B 94 32.52 17.22 9.69
N LYS B 95 33.49 17.81 10.37
CA LYS B 95 33.25 18.42 11.67
C LYS B 95 32.88 19.89 11.66
N THR B 96 33.20 20.58 10.57
CA THR B 96 32.90 22.00 10.47
C THR B 96 32.37 22.34 9.09
N LEU B 97 31.86 23.56 8.93
CA LEU B 97 31.35 24.01 7.65
C LEU B 97 32.53 24.05 6.68
N ASP B 98 33.70 24.40 7.19
CA ASP B 98 34.91 24.46 6.37
C ASP B 98 35.19 23.11 5.74
N GLN B 99 34.98 22.04 6.50
CA GLN B 99 35.21 20.70 5.98
C GLN B 99 34.10 20.25 5.04
N ALA B 100 32.86 20.54 5.42
CA ALA B 100 31.72 20.14 4.61
C ALA B 100 31.74 20.75 3.22
N MET B 101 32.08 22.04 3.12
CA MET B 101 32.11 22.73 1.84
C MET B 101 33.33 22.37 0.99
N GLN B 102 34.15 21.46 1.50
CA GLN B 102 35.33 21.02 0.77
C GLN B 102 35.00 19.78 -0.06
N ALA B 103 33.80 19.25 0.18
CA ALA B 103 33.30 18.08 -0.54
C ALA B 103 32.20 18.54 -1.50
N THR B 104 31.43 17.59 -2.03
CA THR B 104 30.36 17.94 -2.95
C THR B 104 29.25 18.67 -2.22
N TYR B 105 28.88 19.85 -2.72
CA TYR B 105 27.81 20.59 -2.08
C TYR B 105 27.07 21.53 -3.00
N ALA B 106 25.89 21.94 -2.57
CA ALA B 106 25.04 22.86 -3.30
C ALA B 106 24.45 23.82 -2.28
N ILE B 107 24.35 25.09 -2.63
CA ILE B 107 23.78 26.08 -1.74
C ILE B 107 22.32 26.24 -2.10
N TRP B 108 21.44 26.02 -1.14
CA TRP B 108 20.01 26.12 -1.36
C TRP B 108 19.49 27.46 -0.84
N ASP B 109 19.00 28.30 -1.75
CA ASP B 109 18.47 29.61 -1.37
C ASP B 109 16.95 29.58 -1.41
N LEU B 110 16.32 30.03 -0.33
CA LEU B 110 14.86 30.04 -0.24
C LEU B 110 14.27 31.16 -1.08
N GLY B 111 13.02 30.97 -1.50
CA GLY B 111 12.36 31.97 -2.32
C GLY B 111 11.09 31.43 -2.93
N LEU B 112 10.77 31.88 -4.14
CA LEU B 112 9.57 31.46 -4.85
C LEU B 112 9.42 29.95 -4.92
N ASN B 113 10.46 29.25 -5.37
CA ASN B 113 10.41 27.80 -5.44
C ASN B 113 10.63 27.26 -4.04
N SER B 114 9.80 26.32 -3.65
CA SER B 114 9.83 25.75 -2.31
C SER B 114 10.84 24.65 -1.98
N SER B 115 11.12 23.80 -2.95
CA SER B 115 12.02 22.67 -2.71
C SER B 115 13.36 22.67 -3.42
N TYR B 116 14.29 21.86 -2.92
CA TYR B 116 15.59 21.72 -3.55
C TYR B 116 15.87 20.23 -3.73
N ASN B 117 16.16 19.85 -4.97
CA ASN B 117 16.43 18.46 -5.31
C ASN B 117 17.94 18.27 -5.32
N PHE B 118 18.47 17.65 -4.27
CA PHE B 118 19.90 17.42 -4.17
C PHE B 118 20.27 15.99 -4.53
N THR B 119 21.33 15.85 -5.32
CA THR B 119 21.78 14.54 -5.76
C THR B 119 23.10 14.14 -5.13
N VAL B 120 23.12 12.94 -4.53
CA VAL B 120 24.35 12.41 -3.96
C VAL B 120 24.95 11.63 -5.12
N PRO B 121 26.03 12.15 -5.72
CA PRO B 121 26.68 11.46 -6.83
C PRO B 121 27.13 10.08 -6.41
N PHE B 122 27.09 9.13 -7.33
CA PHE B 122 27.54 7.79 -7.02
C PHE B 122 29.07 7.80 -7.14
N ILE B 123 29.75 7.91 -6.01
CA ILE B 123 31.21 7.90 -5.99
C ILE B 123 31.58 6.65 -5.21
N SER B 124 32.13 5.66 -5.91
CA SER B 124 32.46 4.41 -5.25
C SER B 124 33.68 3.70 -5.84
N PRO B 125 34.41 2.94 -5.01
CA PRO B 125 35.58 2.23 -5.52
C PRO B 125 35.09 1.02 -6.33
N THR B 126 33.87 0.59 -6.05
CA THR B 126 33.25 -0.54 -6.73
C THR B 126 32.05 -0.10 -7.58
N HIS B 127 31.77 -0.84 -8.64
CA HIS B 127 30.65 -0.56 -9.53
C HIS B 127 29.28 -0.68 -8.84
N TYR B 128 29.19 -1.57 -7.86
CA TYR B 128 27.96 -1.76 -7.12
C TYR B 128 28.26 -1.65 -5.64
N ARG B 129 27.24 -1.34 -4.84
CA ARG B 129 27.41 -1.23 -3.40
C ARG B 129 26.34 -2.01 -2.69
N GLN B 130 26.69 -2.58 -1.54
CA GLN B 130 25.75 -3.37 -0.75
C GLN B 130 24.61 -2.53 -0.18
N THR B 131 23.44 -3.15 -0.10
CA THR B 131 22.24 -2.50 0.41
C THR B 131 22.22 -2.48 1.95
N SER B 132 22.81 -3.50 2.56
CA SER B 132 22.86 -3.60 4.01
C SER B 132 24.20 -4.21 4.42
N TYR B 133 24.38 -4.43 5.73
CA TYR B 133 25.63 -4.98 6.23
C TYR B 133 25.57 -5.36 7.71
N ASN B 134 26.52 -6.17 8.16
CA ASN B 134 26.60 -6.56 9.57
C ASN B 134 27.39 -5.43 10.20
N THR B 135 28.59 -5.24 9.67
CA THR B 135 29.49 -4.17 10.08
C THR B 135 29.78 -3.35 8.85
N PRO B 136 29.90 -2.01 9.01
CA PRO B 136 30.17 -1.14 7.87
C PRO B 136 31.49 -1.47 7.17
N THR B 137 31.44 -1.53 5.85
CA THR B 137 32.61 -1.81 5.02
C THR B 137 32.67 -0.75 3.94
N ILE B 138 33.78 -0.71 3.20
CA ILE B 138 33.94 0.29 2.14
C ILE B 138 33.04 0.03 0.93
N THR B 139 32.23 -1.01 0.99
CA THR B 139 31.33 -1.32 -0.11
C THR B 139 29.86 -1.23 0.32
N SER B 140 29.62 -0.82 1.56
CA SER B 140 28.26 -0.72 2.08
C SER B 140 27.93 0.64 2.71
N VAL B 141 28.96 1.41 3.03
CA VAL B 141 28.79 2.73 3.63
C VAL B 141 29.53 3.70 2.72
N ASP B 142 28.87 4.77 2.28
CA ASP B 142 29.50 5.69 1.34
C ASP B 142 29.63 7.17 1.75
N GLY B 143 29.76 7.45 3.04
CA GLY B 143 29.89 8.83 3.45
C GLY B 143 28.66 9.42 4.10
N TRP B 144 28.58 10.75 4.13
CA TRP B 144 27.45 11.43 4.77
C TRP B 144 26.89 12.59 3.97
N LEU B 145 25.62 12.89 4.21
CA LEU B 145 24.97 14.03 3.61
C LEU B 145 24.58 14.87 4.81
N THR B 146 25.12 16.09 4.88
CA THR B 146 24.82 16.98 5.99
C THR B 146 24.27 18.28 5.43
N VAL B 147 23.30 18.87 6.11
CA VAL B 147 22.76 20.14 5.65
C VAL B 147 23.11 21.16 6.73
N TRP B 148 23.76 22.23 6.30
CA TRP B 148 24.18 23.28 7.22
C TRP B 148 23.38 24.54 6.98
N GLN B 149 23.42 25.43 7.96
CA GLN B 149 22.75 26.70 7.84
C GLN B 149 23.86 27.66 7.40
N LEU B 150 23.81 28.11 6.15
CA LEU B 150 24.82 29.03 5.64
C LEU B 150 24.55 30.40 6.22
N THR B 151 23.34 30.90 6.00
CA THR B 151 22.92 32.18 6.56
C THR B 151 21.75 31.81 7.45
N PRO B 152 21.50 32.60 8.51
CA PRO B 152 20.37 32.28 9.39
C PRO B 152 19.05 32.46 8.69
N LEU B 153 18.02 31.72 9.12
CA LEU B 153 16.71 31.91 8.54
C LEU B 153 16.37 33.30 9.04
N THR B 154 15.91 34.15 8.14
CA THR B 154 15.60 35.51 8.49
C THR B 154 14.14 35.81 8.17
N TYR B 155 13.50 36.67 8.97
CA TYR B 155 12.08 36.98 8.79
C TYR B 155 11.65 38.24 9.55
N PRO B 156 10.44 38.73 9.28
CA PRO B 156 9.94 39.94 9.96
C PRO B 156 9.22 39.57 11.27
N LEU B 157 8.63 40.56 11.92
CA LEU B 157 7.90 40.30 13.16
C LEU B 157 6.63 39.53 12.82
N GLY B 158 6.01 38.91 13.82
CA GLY B 158 4.78 38.18 13.59
C GLY B 158 4.96 36.85 12.87
N VAL B 159 6.18 36.34 12.85
CA VAL B 159 6.46 35.06 12.21
C VAL B 159 7.12 34.11 13.21
N PRO B 160 6.60 32.87 13.31
CA PRO B 160 7.15 31.89 14.24
C PRO B 160 8.65 31.69 13.97
N ASN B 161 9.44 31.61 15.03
CA ASN B 161 10.89 31.45 14.91
C ASN B 161 11.35 30.17 14.25
N ASP B 162 10.58 29.09 14.39
CA ASP B 162 10.97 27.83 13.80
C ASP B 162 10.27 27.47 12.50
N SER B 163 11.07 27.10 11.51
CA SER B 163 10.57 26.71 10.19
C SER B 163 10.83 25.22 10.05
N HIS B 164 9.92 24.52 9.39
CA HIS B 164 10.07 23.08 9.20
C HIS B 164 10.39 22.75 7.75
N ILE B 165 11.47 22.00 7.56
CA ILE B 165 11.90 21.57 6.24
C ILE B 165 11.62 20.08 6.07
N LEU B 166 10.71 19.74 5.17
CA LEU B 166 10.39 18.34 4.90
C LEU B 166 11.58 17.69 4.21
N THR B 167 11.85 16.44 4.55
CA THR B 167 12.97 15.72 3.97
C THR B 167 12.55 14.40 3.34
N LEU B 168 12.95 14.19 2.09
CA LEU B 168 12.61 12.96 1.36
C LEU B 168 13.79 12.39 0.59
N VAL B 169 13.71 11.11 0.24
CA VAL B 169 14.75 10.43 -0.53
C VAL B 169 14.13 9.54 -1.58
N SER B 170 14.94 9.19 -2.57
CA SER B 170 14.53 8.32 -3.66
C SER B 170 15.76 8.10 -4.54
N GLY B 171 15.66 7.11 -5.42
CA GLY B 171 16.77 6.85 -6.32
C GLY B 171 16.75 7.87 -7.43
N GLY B 172 17.93 8.23 -7.93
CA GLY B 172 18.00 9.20 -9.00
C GLY B 172 17.68 8.59 -10.34
N ASP B 173 17.91 9.38 -11.38
CA ASP B 173 17.65 8.99 -12.76
C ASP B 173 18.43 7.73 -13.20
N ASP B 174 19.68 7.61 -12.76
CA ASP B 174 20.51 6.46 -13.12
C ASP B 174 20.68 5.46 -11.98
N PHE B 175 19.69 5.38 -11.10
CA PHE B 175 19.71 4.47 -9.96
C PHE B 175 19.17 3.09 -10.33
N THR B 176 19.83 2.04 -9.87
CA THR B 176 19.39 0.68 -10.12
C THR B 176 19.66 -0.24 -8.93
N LEU B 177 18.90 -1.32 -8.84
CA LEU B 177 19.05 -2.32 -7.79
C LEU B 177 19.14 -3.67 -8.48
N ARG B 178 19.71 -4.65 -7.82
CA ARG B 178 19.82 -5.97 -8.42
C ARG B 178 19.95 -7.10 -7.41
N MET B 179 19.68 -8.32 -7.87
CA MET B 179 19.76 -9.52 -7.03
C MET B 179 18.67 -9.56 -5.97
N PRO B 180 17.50 -10.14 -6.31
CA PRO B 180 16.37 -10.25 -5.38
C PRO B 180 16.71 -11.14 -4.18
N VAL B 181 16.47 -10.62 -2.98
CA VAL B 181 16.73 -11.36 -1.75
C VAL B 181 15.69 -11.03 -0.69
N THR B 182 15.73 -11.76 0.42
CA THR B 182 14.81 -11.53 1.52
C THR B 182 15.59 -10.85 2.64
N PHE B 183 15.02 -9.79 3.19
CA PHE B 183 15.67 -9.04 4.26
C PHE B 183 15.46 -9.74 5.61
N THR B 184 16.25 -9.31 6.61
CA THR B 184 16.16 -9.85 7.95
C THR B 184 14.73 -9.67 8.47
N LYS B 185 14.03 -10.77 8.72
CA LYS B 185 12.66 -10.68 9.20
C LYS B 185 12.55 -10.01 10.57
N TYR B 186 11.39 -9.46 10.85
CA TYR B 186 11.13 -8.78 12.11
C TYR B 186 9.66 -8.89 12.46
N VAL B 187 9.33 -8.60 13.72
CA VAL B 187 7.94 -8.65 14.17
C VAL B 187 7.35 -7.25 14.12
N PRO B 188 6.29 -7.06 13.33
CA PRO B 188 5.65 -5.74 13.20
C PRO B 188 5.19 -5.20 14.55
N GLN B 189 5.21 -3.87 14.71
CA GLN B 189 4.79 -3.23 15.95
C GLN B 189 4.81 -1.71 15.84
N SER C 1 0.42 33.00 -12.82
CA SER C 1 0.72 33.21 -14.27
C SER C 1 0.17 32.05 -15.11
N ASP C 2 1.02 31.06 -15.39
CA ASP C 2 0.62 29.88 -16.16
C ASP C 2 0.00 28.94 -15.14
N ARG C 3 -0.15 29.47 -13.93
CA ARG C 3 -0.72 28.74 -12.81
C ARG C 3 -2.20 29.04 -12.60
N VAL C 4 -2.77 29.82 -13.51
CA VAL C 4 -4.19 30.14 -13.47
C VAL C 4 -4.83 29.06 -14.34
N SER C 5 -5.74 28.27 -13.78
CA SER C 5 -6.39 27.22 -14.53
C SER C 5 -7.86 27.09 -14.24
N SER C 6 -8.64 26.94 -15.30
CA SER C 6 -10.08 26.79 -15.20
C SER C 6 -10.46 25.46 -15.83
N ASP C 7 -11.40 24.74 -15.22
CA ASP C 7 -11.83 23.47 -15.77
C ASP C 7 -13.35 23.36 -15.74
N THR C 8 -13.94 23.21 -16.92
CA THR C 8 -15.39 23.09 -17.03
C THR C 8 -15.86 21.65 -17.07
N ALA C 9 -17.01 21.41 -16.48
CA ALA C 9 -17.64 20.09 -16.43
C ALA C 9 -19.12 20.35 -16.26
N GLY C 10 -19.89 20.16 -17.33
CA GLY C 10 -21.32 20.40 -17.26
C GLY C 10 -21.59 21.84 -16.91
N ASN C 11 -22.44 22.06 -15.91
CA ASN C 11 -22.78 23.42 -15.48
C ASN C 11 -21.94 23.86 -14.29
N THR C 12 -20.74 23.26 -14.17
CA THR C 12 -19.83 23.61 -13.09
C THR C 12 -18.46 23.95 -13.67
N ALA C 13 -17.66 24.67 -12.88
CA ALA C 13 -16.33 25.06 -13.31
C ALA C 13 -15.45 25.35 -12.10
N THR C 14 -14.26 24.75 -12.07
CA THR C 14 -13.34 25.00 -10.97
C THR C 14 -12.32 26.02 -11.47
N ASN C 15 -11.79 26.80 -10.54
CA ASN C 15 -10.80 27.80 -10.89
C ASN C 15 -9.76 27.86 -9.80
N THR C 16 -8.50 27.96 -10.21
CA THR C 16 -7.39 28.04 -9.27
C THR C 16 -6.39 29.01 -9.84
N GLN C 17 -5.56 29.58 -8.97
CA GLN C 17 -4.54 30.51 -9.42
C GLN C 17 -3.17 30.12 -8.91
N SER C 18 -3.04 28.86 -8.50
CA SER C 18 -1.77 28.35 -7.99
C SER C 18 -1.61 26.86 -8.34
N THR C 19 -2.15 26.46 -9.49
CA THR C 19 -2.05 25.06 -9.89
C THR C 19 -0.62 24.66 -10.26
N VAL C 20 -0.32 23.38 -10.08
CA VAL C 20 0.98 22.83 -10.43
C VAL C 20 0.74 21.77 -11.50
N GLY C 21 -0.41 21.88 -12.15
CA GLY C 21 -0.77 20.94 -13.20
C GLY C 21 -1.72 19.86 -12.72
N ARG C 22 -2.20 19.05 -13.66
CA ARG C 22 -3.10 17.96 -13.32
C ARG C 22 -2.36 16.63 -13.50
N LEU C 23 -2.41 15.77 -12.48
CA LEU C 23 -1.74 14.49 -12.58
C LEU C 23 -2.72 13.39 -12.94
N PHE C 24 -2.42 12.68 -14.02
CA PHE C 24 -3.25 11.59 -14.48
C PHE C 24 -2.70 10.26 -13.99
N GLY C 25 -3.41 9.65 -13.05
CA GLY C 25 -2.97 8.37 -12.51
C GLY C 25 -2.87 7.33 -13.60
N PHE C 26 -1.75 6.61 -13.63
CA PHE C 26 -1.50 5.57 -14.62
C PHE C 26 -1.50 6.15 -16.03
N GLY C 27 -1.44 7.47 -16.14
CA GLY C 27 -1.44 8.12 -17.45
C GLY C 27 -2.67 7.73 -18.26
N GLN C 28 -3.72 7.34 -17.56
CA GLN C 28 -4.97 6.92 -18.20
C GLN C 28 -6.18 7.73 -17.79
N ARG C 29 -7.19 7.71 -18.67
CA ARG C 29 -8.44 8.43 -18.46
C ARG C 29 -9.57 7.44 -18.73
N HIS C 30 -10.70 7.60 -18.05
CA HIS C 30 -11.82 6.72 -18.32
C HIS C 30 -12.46 7.23 -19.62
N LYS C 31 -12.46 6.40 -20.65
CA LYS C 31 -13.00 6.80 -21.94
C LYS C 31 -14.51 6.64 -22.06
N GLY C 32 -15.13 6.01 -21.07
CA GLY C 32 -16.57 5.84 -21.10
C GLY C 32 -17.09 4.69 -21.95
N LYS C 33 -16.23 3.72 -22.23
CA LYS C 33 -16.65 2.57 -23.03
C LYS C 33 -17.58 1.69 -22.21
N HIS C 34 -18.59 1.11 -22.85
CA HIS C 34 -19.53 0.25 -22.17
C HIS C 34 -18.85 -1.04 -21.75
N PRO C 35 -19.24 -1.58 -20.59
CA PRO C 35 -18.64 -2.84 -20.11
C PRO C 35 -19.07 -4.01 -20.99
N ALA C 36 -18.09 -4.79 -21.43
CA ALA C 36 -18.37 -5.94 -22.28
C ALA C 36 -19.02 -7.09 -21.52
N SER C 37 -19.24 -6.89 -20.22
CA SER C 37 -19.85 -7.92 -19.39
C SER C 37 -21.36 -7.72 -19.26
N CYS C 38 -21.88 -6.68 -19.92
CA CYS C 38 -23.30 -6.38 -19.88
C CYS C 38 -23.92 -6.34 -21.27
N ALA C 39 -25.03 -7.04 -21.44
CA ALA C 39 -25.73 -7.10 -22.72
C ALA C 39 -26.61 -5.87 -22.93
N ASP C 40 -27.20 -5.36 -21.86
CA ASP C 40 -28.07 -4.19 -21.97
C ASP C 40 -27.22 -2.98 -22.35
N THR C 41 -27.73 -2.17 -23.27
CA THR C 41 -27.00 -0.97 -23.68
C THR C 41 -26.99 -0.01 -22.50
N ALA C 42 -25.79 0.36 -22.07
CA ALA C 42 -25.62 1.25 -20.93
C ALA C 42 -26.21 2.65 -21.13
N THR C 43 -26.48 3.31 -20.00
CA THR C 43 -26.98 4.68 -20.01
C THR C 43 -25.68 5.47 -19.79
N ASP C 44 -25.41 6.44 -20.65
CA ASP C 44 -24.20 7.21 -20.53
C ASP C 44 -24.37 8.64 -21.03
N LYS C 45 -23.26 9.36 -21.10
CA LYS C 45 -23.27 10.74 -21.57
C LYS C 45 -24.39 11.56 -20.96
N VAL C 46 -24.58 11.42 -19.65
CA VAL C 46 -25.60 12.17 -18.93
C VAL C 46 -24.93 13.44 -18.44
N LEU C 47 -25.09 14.52 -19.18
CA LEU C 47 -24.45 15.79 -18.83
C LEU C 47 -24.70 16.23 -17.39
N ALA C 48 -25.92 16.00 -16.89
CA ALA C 48 -26.27 16.40 -15.53
C ALA C 48 -25.51 15.61 -14.47
N ALA C 49 -24.80 14.56 -14.89
CA ALA C 49 -24.03 13.74 -13.96
C ALA C 49 -22.53 13.92 -14.15
N GLU C 50 -22.14 14.48 -15.28
CA GLU C 50 -20.73 14.69 -15.59
C GLU C 50 -20.32 16.11 -15.22
N ARG C 51 -20.27 16.35 -13.91
CA ARG C 51 -19.94 17.65 -13.36
C ARG C 51 -19.14 17.50 -12.07
N TYR C 52 -18.75 18.64 -11.49
CA TYR C 52 -18.01 18.67 -10.24
C TYR C 52 -18.96 18.81 -9.07
N TYR C 53 -18.82 17.93 -8.09
CA TYR C 53 -19.63 17.97 -6.89
C TYR C 53 -18.66 18.44 -5.80
N THR C 54 -18.90 19.62 -5.24
CA THR C 54 -18.02 20.17 -4.21
C THR C 54 -18.54 19.97 -2.79
N ILE C 55 -17.65 19.52 -1.91
CA ILE C 55 -18.01 19.27 -0.51
C ILE C 55 -16.89 19.67 0.45
N LYS C 56 -17.26 20.08 1.65
CA LYS C 56 -16.29 20.44 2.68
C LYS C 56 -15.78 19.13 3.26
N LEU C 57 -14.47 19.04 3.51
CA LEU C 57 -13.89 17.81 4.03
C LEU C 57 -13.45 17.83 5.49
N ALA C 58 -12.63 18.80 5.87
CA ALA C 58 -12.15 18.86 7.24
C ALA C 58 -11.46 20.16 7.62
N SER C 59 -11.22 20.35 8.90
CA SER C 59 -10.54 21.52 9.41
C SER C 59 -9.14 21.08 9.80
N TRP C 60 -8.13 21.81 9.34
CA TRP C 60 -6.76 21.47 9.62
C TRP C 60 -6.27 22.32 10.79
N THR C 61 -5.84 21.67 11.87
CA THR C 61 -5.36 22.36 13.05
C THR C 61 -3.91 21.97 13.35
N LYS C 62 -3.29 22.64 14.31
CA LYS C 62 -1.92 22.34 14.68
C LYS C 62 -1.76 20.97 15.33
N THR C 63 -2.86 20.39 15.79
CA THR C 63 -2.82 19.09 16.47
C THR C 63 -2.62 17.88 15.56
N GLN C 64 -2.89 18.03 14.27
CA GLN C 64 -2.70 16.92 13.33
C GLN C 64 -1.22 16.63 13.15
N GLU C 65 -0.88 15.35 13.06
CA GLU C 65 0.51 14.93 12.87
C GLU C 65 0.70 14.33 11.49
N SER C 66 1.95 14.14 11.11
CA SER C 66 2.26 13.55 9.81
C SER C 66 1.51 12.23 9.67
N PHE C 67 0.87 12.07 8.51
CA PHE C 67 0.13 10.86 8.17
C PHE C 67 -1.28 10.73 8.76
N ASP C 68 -1.74 11.74 9.49
CA ASP C 68 -3.11 11.71 9.99
C ASP C 68 -3.86 12.00 8.70
N HIS C 69 -5.00 11.34 8.48
CA HIS C 69 -5.70 11.53 7.23
C HIS C 69 -7.21 11.51 7.25
N ILE C 70 -7.79 11.90 6.11
CA ILE C 70 -9.22 11.93 5.88
C ILE C 70 -9.44 11.08 4.63
N ARG C 71 -10.43 10.19 4.69
CA ARG C 71 -10.73 9.31 3.56
C ARG C 71 -12.07 9.65 2.92
N VAL C 72 -12.13 9.55 1.60
CA VAL C 72 -13.34 9.83 0.85
C VAL C 72 -13.64 8.65 -0.07
N PRO C 73 -14.49 7.71 0.39
CA PRO C 73 -14.86 6.52 -0.40
C PRO C 73 -15.62 6.91 -1.67
N LEU C 74 -15.26 6.28 -2.78
CA LEU C 74 -15.93 6.56 -4.05
C LEU C 74 -16.48 5.27 -4.64
N PRO C 75 -17.65 5.34 -5.30
CA PRO C 75 -18.50 6.51 -5.55
C PRO C 75 -19.39 6.93 -4.37
N HIS C 76 -19.39 6.12 -3.31
CA HIS C 76 -20.21 6.36 -2.13
C HIS C 76 -20.25 7.77 -1.56
N ALA C 77 -19.11 8.46 -1.55
CA ALA C 77 -19.08 9.81 -1.02
C ALA C 77 -20.13 10.69 -1.71
N LEU C 78 -20.53 10.30 -2.92
CA LEU C 78 -21.50 11.07 -3.70
C LEU C 78 -22.80 10.30 -3.98
N ALA C 79 -23.02 9.19 -3.28
CA ALA C 79 -24.21 8.38 -3.47
C ALA C 79 -25.40 8.95 -2.70
N GLY C 80 -25.16 10.00 -1.92
CA GLY C 80 -26.22 10.63 -1.15
C GLY C 80 -27.00 11.62 -1.98
N GLU C 81 -27.89 12.36 -1.33
CA GLU C 81 -28.71 13.34 -2.04
C GLU C 81 -27.89 14.41 -2.73
N ASN C 82 -26.78 14.81 -2.11
CA ASN C 82 -25.93 15.85 -2.67
C ASN C 82 -25.16 15.38 -3.91
N GLY C 83 -25.39 14.15 -4.32
CA GLY C 83 -24.74 13.61 -5.50
C GLY C 83 -25.51 13.96 -6.75
N GLY C 84 -26.53 14.80 -6.59
CA GLY C 84 -27.36 15.21 -7.71
C GLY C 84 -27.86 14.10 -8.60
N VAL C 85 -27.80 14.33 -9.91
CA VAL C 85 -28.27 13.35 -10.88
C VAL C 85 -27.29 12.17 -11.01
N PHE C 86 -26.04 12.38 -10.63
CA PHE C 86 -25.09 11.27 -10.68
C PHE C 86 -25.59 10.25 -9.67
N SER C 87 -25.95 10.75 -8.50
CA SER C 87 -26.45 9.93 -7.40
C SER C 87 -27.78 9.26 -7.74
N SER C 88 -28.78 10.06 -8.09
CA SER C 88 -30.10 9.52 -8.41
C SER C 88 -30.08 8.48 -9.52
N THR C 89 -29.10 8.58 -10.42
CA THR C 89 -28.99 7.63 -11.52
C THR C 89 -28.26 6.40 -11.01
N LEU C 90 -27.23 6.63 -10.21
CA LEU C 90 -26.43 5.55 -9.63
C LEU C 90 -27.30 4.65 -8.76
N ARG C 91 -28.09 5.25 -7.88
CA ARG C 91 -28.95 4.50 -6.96
C ARG C 91 -29.95 3.62 -7.68
N ARG C 92 -30.26 3.94 -8.93
CA ARG C 92 -31.23 3.16 -9.68
C ARG C 92 -30.59 2.20 -10.68
N HIS C 93 -29.29 1.99 -10.55
CA HIS C 93 -28.58 1.08 -11.43
C HIS C 93 -27.77 0.08 -10.63
N TYR C 94 -27.77 -1.15 -11.10
CA TYR C 94 -27.04 -2.25 -10.48
C TYR C 94 -25.54 -2.05 -10.59
N LEU C 95 -25.10 -1.62 -11.77
CA LEU C 95 -23.67 -1.44 -12.03
C LEU C 95 -23.29 -0.03 -12.48
N CYS C 96 -22.06 0.37 -12.14
CA CYS C 96 -21.53 1.68 -12.53
C CYS C 96 -20.03 1.56 -12.74
N LYS C 97 -19.56 2.21 -13.80
CA LYS C 97 -18.16 2.20 -14.18
C LYS C 97 -17.78 3.65 -14.46
N CYS C 98 -16.73 4.15 -13.81
CA CYS C 98 -16.31 5.52 -14.05
C CYS C 98 -14.94 5.85 -13.46
N GLY C 99 -14.40 6.98 -13.88
CA GLY C 99 -13.11 7.43 -13.39
C GLY C 99 -13.39 8.64 -12.52
N TRP C 100 -12.33 9.31 -12.05
CA TRP C 100 -12.53 10.48 -11.20
C TRP C 100 -11.59 11.64 -11.54
N ARG C 101 -12.15 12.83 -11.56
CA ARG C 101 -11.41 14.05 -11.81
C ARG C 101 -11.61 14.82 -10.52
N ILE C 102 -10.53 15.07 -9.79
CA ILE C 102 -10.67 15.74 -8.51
C ILE C 102 -9.71 16.89 -8.24
N GLN C 103 -10.21 17.88 -7.51
CA GLN C 103 -9.42 19.02 -7.10
C GLN C 103 -9.70 19.26 -5.62
N VAL C 104 -8.67 19.16 -4.77
CA VAL C 104 -8.89 19.43 -3.36
C VAL C 104 -8.35 20.84 -3.14
N GLN C 105 -9.08 21.61 -2.34
CA GLN C 105 -8.69 23.00 -2.08
C GLN C 105 -8.36 23.26 -0.62
N CYS C 106 -7.37 24.13 -0.40
CA CYS C 106 -6.96 24.51 0.94
C CYS C 106 -5.98 25.67 0.90
N ASN C 107 -6.42 26.83 1.37
CA ASN C 107 -5.56 28.02 1.39
C ASN C 107 -5.19 28.43 2.81
N ALA C 108 -4.06 29.13 2.91
CA ALA C 108 -3.55 29.63 4.18
C ALA C 108 -2.92 30.99 3.88
N SER C 109 -1.61 31.11 4.01
CA SER C 109 -0.95 32.38 3.70
C SER C 109 0.54 32.19 3.58
N GLN C 110 1.23 33.26 3.19
CA GLN C 110 2.68 33.24 3.04
C GLN C 110 3.34 33.06 4.40
N PHE C 111 2.57 33.25 5.47
CA PHE C 111 3.11 33.13 6.81
C PHE C 111 2.76 31.82 7.52
N HIS C 112 2.00 30.96 6.86
CA HIS C 112 1.65 29.66 7.42
C HIS C 112 2.63 28.63 6.85
N ALA C 113 2.76 27.50 7.52
CA ALA C 113 3.65 26.44 7.07
C ALA C 113 2.93 25.10 7.21
N GLY C 114 3.34 24.13 6.41
CA GLY C 114 2.71 22.82 6.46
C GLY C 114 2.38 22.30 5.08
N SER C 115 2.15 20.99 4.98
CA SER C 115 1.83 20.39 3.69
C SER C 115 0.95 19.16 3.82
N LEU C 116 0.20 18.89 2.76
CA LEU C 116 -0.69 17.75 2.72
C LEU C 116 -0.36 16.87 1.51
N LEU C 117 -0.70 15.60 1.60
CA LEU C 117 -0.49 14.67 0.50
C LEU C 117 -1.90 14.34 0.02
N VAL C 118 -2.17 14.63 -1.24
CA VAL C 118 -3.48 14.34 -1.82
C VAL C 118 -3.30 13.21 -2.81
N PHE C 119 -3.94 12.07 -2.55
CA PHE C 119 -3.81 10.94 -3.45
C PHE C 119 -5.07 10.11 -3.62
N MET C 120 -5.08 9.32 -4.69
CA MET C 120 -6.19 8.42 -5.00
C MET C 120 -5.63 7.00 -4.90
N ALA C 121 -6.36 6.12 -4.24
CA ALA C 121 -5.89 4.75 -4.09
C ALA C 121 -7.00 3.73 -4.31
N PRO C 122 -6.73 2.69 -5.11
CA PRO C 122 -7.72 1.65 -5.37
C PRO C 122 -7.67 0.60 -4.26
N GLU C 123 -8.82 0.10 -3.85
CA GLU C 123 -8.90 -0.91 -2.80
C GLU C 123 -8.20 -0.41 -1.53
N PHE C 124 -8.45 0.84 -1.19
CA PHE C 124 -7.87 1.46 0.01
C PHE C 124 -8.92 1.34 1.12
N ASP C 125 -8.59 0.62 2.18
CA ASP C 125 -9.50 0.41 3.30
C ASP C 125 -10.16 1.67 3.83
N THR C 126 -11.49 1.72 3.76
CA THR C 126 -12.26 2.86 4.23
C THR C 126 -13.09 2.54 5.47
N SER C 127 -12.93 1.32 5.99
CA SER C 127 -13.68 0.89 7.15
C SER C 127 -13.28 1.64 8.43
N ASN C 128 -14.18 1.63 9.40
CA ASN C 128 -13.96 2.30 10.68
C ASN C 128 -12.92 1.52 11.49
N HIS C 129 -11.96 2.21 12.07
CA HIS C 129 -10.92 1.55 12.85
C HIS C 129 -10.96 1.86 14.34
N SER C 130 -11.95 2.65 14.75
CA SER C 130 -12.10 3.00 16.15
C SER C 130 -12.97 1.98 16.89
N THR C 131 -13.07 0.77 16.33
CA THR C 131 -13.84 -0.32 16.92
C THR C 131 -13.35 -1.67 16.45
N GLU C 132 -13.75 -2.71 17.16
CA GLU C 132 -13.37 -4.08 16.84
C GLU C 132 -14.60 -4.74 16.20
N VAL C 133 -15.57 -3.92 15.86
CA VAL C 133 -16.81 -4.39 15.26
C VAL C 133 -16.69 -4.59 13.75
N GLU C 134 -17.33 -5.63 13.23
CA GLU C 134 -17.31 -5.90 11.80
C GLU C 134 -17.90 -4.73 11.01
N PRO C 135 -17.23 -4.32 9.92
CA PRO C 135 -17.76 -3.20 9.13
C PRO C 135 -19.09 -3.60 8.51
N ARG C 136 -20.02 -2.66 8.43
CA ARG C 136 -21.33 -2.93 7.84
C ARG C 136 -21.60 -1.99 6.68
N ALA C 137 -22.66 -2.28 5.94
CA ALA C 137 -23.04 -1.47 4.78
C ALA C 137 -23.08 0.04 5.06
N ASP C 138 -23.56 0.41 6.25
CA ASP C 138 -23.68 1.82 6.62
C ASP C 138 -22.54 2.40 7.44
N THR C 139 -21.42 1.69 7.53
CA THR C 139 -20.29 2.19 8.31
C THR C 139 -18.97 1.98 7.58
N ALA C 140 -19.02 1.23 6.49
CA ALA C 140 -17.82 0.91 5.71
C ALA C 140 -17.44 1.92 4.63
N PHE C 141 -18.44 2.57 4.04
CA PHE C 141 -18.18 3.52 2.95
C PHE C 141 -18.56 4.96 3.28
N LYS C 142 -18.13 5.46 4.44
CA LYS C 142 -18.48 6.82 4.82
C LYS C 142 -17.27 7.75 4.80
N VAL C 143 -17.49 9.00 4.41
CA VAL C 143 -16.43 9.98 4.38
C VAL C 143 -16.06 10.26 5.84
N ASP C 144 -14.77 10.18 6.15
CA ASP C 144 -14.31 10.41 7.52
C ASP C 144 -14.83 11.73 8.07
N ALA C 145 -15.35 11.69 9.29
CA ALA C 145 -15.87 12.88 9.95
C ALA C 145 -14.76 13.52 10.78
N ASN C 146 -13.81 12.70 11.20
CA ASN C 146 -12.68 13.15 12.01
C ASN C 146 -11.38 12.68 11.39
N TRP C 147 -10.28 13.37 11.69
CA TRP C 147 -8.98 12.97 11.18
C TRP C 147 -8.66 11.60 11.75
N GLN C 148 -8.09 10.73 10.92
CA GLN C 148 -7.72 9.39 11.35
C GLN C 148 -6.28 9.41 11.80
N LYS C 149 -5.98 8.74 12.91
CA LYS C 149 -4.61 8.69 13.37
C LYS C 149 -3.89 7.70 12.46
N HIS C 150 -2.57 7.67 12.53
CA HIS C 150 -1.80 6.81 11.63
C HIS C 150 -1.23 5.50 12.17
N ALA C 151 -0.82 5.50 13.43
CA ALA C 151 -0.24 4.30 14.04
C ALA C 151 -1.01 3.00 13.87
N GLN C 152 -2.33 3.04 14.08
CA GLN C 152 -3.15 1.83 14.00
C GLN C 152 -3.40 1.21 12.62
N ILE C 153 -2.67 1.64 11.59
CA ILE C 153 -2.89 1.05 10.27
C ILE C 153 -1.63 0.52 9.61
N LEU C 154 -0.47 0.84 10.16
CA LEU C 154 0.78 0.36 9.59
C LEU C 154 0.76 -1.13 9.37
N THR C 155 0.27 -1.88 10.35
CA THR C 155 0.20 -3.34 10.25
C THR C 155 -1.24 -3.80 10.07
N GLY C 156 -2.12 -2.86 9.76
CA GLY C 156 -3.51 -3.20 9.57
C GLY C 156 -4.34 -3.09 10.82
N HIS C 157 -5.61 -3.44 10.70
CA HIS C 157 -6.54 -3.37 11.81
C HIS C 157 -7.53 -4.52 11.75
N ALA C 158 -7.32 -5.54 12.58
CA ALA C 158 -8.22 -6.69 12.61
C ALA C 158 -9.48 -6.35 13.41
N TYR C 159 -10.63 -6.82 12.92
CA TYR C 159 -11.90 -6.57 13.59
C TYR C 159 -12.11 -7.62 14.66
N VAL C 160 -11.18 -7.65 15.61
CA VAL C 160 -11.22 -8.60 16.71
C VAL C 160 -10.96 -7.81 18.01
N ASN C 161 -11.37 -8.35 19.15
CA ASN C 161 -11.19 -7.65 20.41
C ASN C 161 -9.72 -7.43 20.77
N THR C 162 -9.49 -6.38 21.55
CA THR C 162 -8.17 -5.96 22.00
C THR C 162 -7.21 -7.04 22.50
N THR C 163 -7.72 -8.06 23.17
CA THR C 163 -6.84 -9.11 23.69
C THR C 163 -6.36 -10.09 22.62
N THR C 164 -7.19 -10.31 21.60
CA THR C 164 -6.82 -11.21 20.49
C THR C 164 -5.81 -10.49 19.60
N LYS C 165 -5.98 -9.18 19.48
CA LYS C 165 -5.13 -8.31 18.68
C LYS C 165 -3.64 -8.62 18.91
N VAL C 166 -3.34 -9.10 20.11
CA VAL C 166 -1.97 -9.42 20.50
C VAL C 166 -1.35 -10.54 19.66
N ASN C 167 -2.18 -11.52 19.28
CA ASN C 167 -1.70 -12.64 18.49
C ASN C 167 -1.94 -12.45 16.99
N VAL C 168 -2.32 -11.23 16.60
CA VAL C 168 -2.57 -10.90 15.21
C VAL C 168 -1.59 -9.81 14.80
N PRO C 169 -0.43 -10.21 14.26
CA PRO C 169 0.61 -9.26 13.83
C PRO C 169 0.34 -8.45 12.56
N LEU C 170 -0.46 -9.00 11.64
CA LEU C 170 -0.73 -8.30 10.39
C LEU C 170 -2.12 -8.55 9.81
N ALA C 171 -2.76 -7.48 9.33
CA ALA C 171 -4.08 -7.56 8.71
C ALA C 171 -3.96 -7.05 7.27
N LEU C 172 -4.70 -7.66 6.35
CA LEU C 172 -4.66 -7.29 4.93
C LEU C 172 -5.10 -5.87 4.60
N ASN C 173 -5.56 -5.12 5.60
CA ASN C 173 -5.97 -3.74 5.35
C ASN C 173 -4.86 -2.81 5.81
N HIS C 174 -3.64 -3.33 5.84
CA HIS C 174 -2.48 -2.57 6.26
C HIS C 174 -2.12 -1.51 5.22
N GLN C 175 -1.59 -0.39 5.70
CA GLN C 175 -1.19 0.71 4.83
C GLN C 175 0.10 1.34 5.30
N ASN C 176 1.20 0.98 4.66
CA ASN C 176 2.51 1.52 4.98
C ASN C 176 2.56 2.94 4.43
N PHE C 177 2.03 3.90 5.19
CA PHE C 177 1.97 5.28 4.75
C PHE C 177 3.30 5.92 4.35
N TRP C 178 4.41 5.28 4.68
CA TRP C 178 5.71 5.83 4.31
C TRP C 178 5.87 5.77 2.79
N GLN C 179 5.03 4.96 2.16
CA GLN C 179 5.06 4.78 0.71
C GLN C 179 3.77 5.25 0.04
N TRP C 180 2.93 5.98 0.76
CA TRP C 180 1.67 6.47 0.20
C TRP C 180 1.89 7.32 -1.02
N THR C 181 3.14 7.72 -1.20
CA THR C 181 3.51 8.55 -2.31
C THR C 181 3.62 7.74 -3.61
N THR C 182 3.46 6.41 -3.51
CA THR C 182 3.52 5.58 -4.71
C THR C 182 2.15 5.57 -5.39
N TYR C 183 1.15 6.12 -4.72
CA TYR C 183 -0.20 6.20 -5.28
C TYR C 183 -0.27 7.48 -6.10
N PRO C 184 -1.09 7.50 -7.16
CA PRO C 184 -1.17 8.75 -7.95
C PRO C 184 -1.49 9.87 -6.97
N HIS C 185 -0.66 10.91 -6.96
CA HIS C 185 -0.85 11.98 -5.99
C HIS C 185 -0.30 13.33 -6.44
N GLN C 186 -0.36 14.24 -5.49
CA GLN C 186 0.17 15.59 -5.60
C GLN C 186 0.32 16.06 -4.17
N ILE C 187 1.08 17.13 -3.96
CA ILE C 187 1.28 17.65 -2.63
C ILE C 187 0.75 19.08 -2.54
N LEU C 188 0.06 19.38 -1.45
CA LEU C 188 -0.46 20.71 -1.25
C LEU C 188 0.43 21.38 -0.21
N ASN C 189 1.44 22.10 -0.71
CA ASN C 189 2.40 22.80 0.12
C ASN C 189 1.89 24.23 0.26
N LEU C 190 1.54 24.63 1.49
CA LEU C 190 1.00 25.95 1.74
C LEU C 190 1.76 27.11 1.13
N ARG C 191 3.08 26.97 1.01
CA ARG C 191 3.90 28.03 0.45
C ARG C 191 3.82 28.05 -1.09
N THR C 192 3.42 26.93 -1.68
CA THR C 192 3.35 26.79 -3.13
C THR C 192 1.97 26.86 -3.78
N ASN C 193 1.09 25.93 -3.41
CA ASN C 193 -0.24 25.86 -4.01
C ASN C 193 -1.40 25.74 -3.02
N THR C 194 -2.60 26.12 -3.47
CA THR C 194 -3.80 26.03 -2.63
C THR C 194 -4.74 24.98 -3.21
N THR C 195 -4.30 24.32 -4.29
CA THR C 195 -5.10 23.28 -4.92
C THR C 195 -4.24 22.17 -5.51
N CYS C 196 -4.84 20.99 -5.62
CA CYS C 196 -4.20 19.83 -6.20
C CYS C 196 -5.20 19.27 -7.20
N ASP C 197 -4.71 18.89 -8.38
CA ASP C 197 -5.58 18.34 -9.40
C ASP C 197 -5.16 16.94 -9.82
N LEU C 198 -6.06 15.99 -9.62
CA LEU C 198 -5.81 14.59 -9.96
C LEU C 198 -6.92 14.04 -10.83
N GLU C 199 -6.63 12.92 -11.48
CA GLU C 199 -7.59 12.21 -12.29
C GLU C 199 -7.10 10.78 -12.43
N VAL C 200 -8.01 9.84 -12.21
CA VAL C 200 -7.68 8.42 -12.31
C VAL C 200 -8.71 7.72 -13.18
N PRO C 201 -8.30 6.65 -13.88
CA PRO C 201 -9.23 5.92 -14.73
C PRO C 201 -10.00 4.91 -13.89
N TYR C 202 -10.73 4.03 -14.54
CA TYR C 202 -11.49 3.02 -13.83
C TYR C 202 -10.64 1.76 -13.69
N VAL C 203 -10.50 1.28 -12.46
CA VAL C 203 -9.77 0.05 -12.20
C VAL C 203 -10.64 -0.74 -11.22
N ASN C 204 -10.58 -2.06 -11.29
CA ASN C 204 -11.39 -2.89 -10.42
C ASN C 204 -11.08 -4.35 -10.74
N VAL C 205 -11.63 -5.26 -9.95
CA VAL C 205 -11.41 -6.69 -10.17
C VAL C 205 -12.26 -7.18 -11.34
N CYS C 206 -13.15 -6.33 -11.84
CA CYS C 206 -14.04 -6.70 -12.94
C CYS C 206 -14.43 -5.50 -13.82
N PRO C 207 -14.93 -5.77 -15.05
CA PRO C 207 -15.37 -4.79 -16.07
C PRO C 207 -16.18 -3.60 -15.57
N THR C 208 -17.14 -3.85 -14.69
CA THR C 208 -17.97 -2.79 -14.15
C THR C 208 -18.24 -3.15 -12.69
N SER C 209 -18.65 -2.16 -11.89
CA SER C 209 -18.84 -2.40 -10.47
C SER C 209 -20.25 -2.45 -9.90
N SER C 210 -20.46 -3.41 -9.00
CA SER C 210 -21.71 -3.57 -8.29
C SER C 210 -21.43 -2.67 -7.08
N TRP C 211 -21.41 -1.37 -7.35
CA TRP C 211 -21.09 -0.34 -6.36
C TRP C 211 -21.71 -0.48 -4.97
N THR C 212 -22.90 -1.03 -4.88
CA THR C 212 -23.55 -1.19 -3.58
C THR C 212 -22.73 -2.03 -2.60
N GLN C 213 -21.83 -2.84 -3.13
CA GLN C 213 -20.97 -3.71 -2.31
C GLN C 213 -19.51 -3.31 -2.33
N HIS C 214 -19.14 -2.32 -3.15
CA HIS C 214 -17.73 -2.02 -3.29
C HIS C 214 -17.36 -0.56 -3.60
N ALA C 215 -16.43 -0.03 -2.83
CA ALA C 215 -15.94 1.34 -3.04
C ALA C 215 -14.50 1.12 -3.53
N ASN C 216 -14.36 0.93 -4.83
CA ASN C 216 -13.05 0.67 -5.43
C ASN C 216 -12.01 1.79 -5.35
N TRP C 217 -12.46 3.04 -5.34
CA TRP C 217 -11.52 4.16 -5.25
C TRP C 217 -11.69 4.93 -3.95
N THR C 218 -10.59 5.47 -3.46
CA THR C 218 -10.61 6.27 -2.24
C THR C 218 -9.72 7.50 -2.38
N LEU C 219 -10.29 8.67 -2.15
CA LEU C 219 -9.54 9.91 -2.20
C LEU C 219 -9.03 10.09 -0.77
N VAL C 220 -7.73 10.33 -0.62
CA VAL C 220 -7.16 10.49 0.71
C VAL C 220 -6.33 11.76 0.85
N ILE C 221 -6.57 12.49 1.94
CA ILE C 221 -5.83 13.71 2.22
C ILE C 221 -5.10 13.46 3.55
N ALA C 222 -3.78 13.41 3.49
CA ALA C 222 -2.99 13.16 4.69
C ALA C 222 -2.02 14.31 4.90
N VAL C 223 -1.75 14.69 6.14
CA VAL C 223 -0.81 15.78 6.35
C VAL C 223 0.59 15.17 6.29
N LEU C 224 1.52 15.90 5.69
CA LEU C 224 2.90 15.43 5.59
C LEU C 224 3.74 16.23 6.57
N THR C 225 3.45 17.51 6.65
CA THR C 225 4.13 18.41 7.57
C THR C 225 3.03 19.14 8.33
N PRO C 226 3.09 19.09 9.68
CA PRO C 226 2.09 19.74 10.52
C PRO C 226 1.89 21.24 10.27
N LEU C 227 0.66 21.69 10.47
CA LEU C 227 0.30 23.09 10.27
C LEU C 227 0.96 23.95 11.35
N GLN C 228 1.56 25.07 10.92
CA GLN C 228 2.20 25.99 11.84
C GLN C 228 1.89 27.43 11.46
N TYR C 229 1.81 28.30 12.47
CA TYR C 229 1.54 29.70 12.25
C TYR C 229 1.72 30.45 13.57
N SER C 230 2.03 31.73 13.49
CA SER C 230 2.24 32.52 14.69
C SER C 230 0.99 33.27 15.14
N GLN C 231 1.03 33.76 16.38
CA GLN C 231 -0.07 34.50 16.98
C GLN C 231 -0.48 35.69 16.11
N GLY C 232 -1.75 35.70 15.69
CA GLY C 232 -2.23 36.78 14.86
C GLY C 232 -2.67 36.33 13.49
N SER C 233 -2.08 35.24 13.01
CA SER C 233 -2.42 34.68 11.70
C SER C 233 -3.75 33.94 11.78
N ALA C 234 -4.46 33.87 10.67
CA ALA C 234 -5.75 33.19 10.60
C ALA C 234 -5.61 31.78 11.18
N THR C 235 -6.52 31.42 12.08
CA THR C 235 -6.47 30.11 12.73
C THR C 235 -7.36 29.06 12.08
N THR C 236 -8.37 29.50 11.31
CA THR C 236 -9.28 28.57 10.66
C THR C 236 -8.77 28.21 9.27
N ILE C 237 -8.24 26.99 9.15
CA ILE C 237 -7.71 26.47 7.90
C ILE C 237 -8.54 25.24 7.54
N GLU C 238 -9.34 25.35 6.47
CA GLU C 238 -10.19 24.25 6.06
C GLU C 238 -9.83 23.63 4.71
N ILE C 239 -10.21 22.36 4.55
CA ILE C 239 -9.94 21.61 3.33
C ILE C 239 -11.25 21.25 2.62
N THR C 240 -11.28 21.47 1.31
CA THR C 240 -12.45 21.21 0.49
C THR C 240 -12.07 20.38 -0.72
N ALA C 241 -13.07 19.88 -1.46
CA ALA C 241 -12.80 19.09 -2.64
C ALA C 241 -13.93 19.13 -3.66
N SER C 242 -13.56 19.16 -4.94
CA SER C 242 -14.50 19.16 -6.04
C SER C 242 -14.27 17.81 -6.72
N ILE C 243 -15.29 16.96 -6.67
CA ILE C 243 -15.20 15.63 -7.24
C ILE C 243 -16.11 15.43 -8.44
N GLN C 244 -15.51 15.01 -9.55
CA GLN C 244 -16.25 14.79 -10.79
C GLN C 244 -16.13 13.36 -11.29
N PRO C 245 -17.27 12.66 -11.45
CA PRO C 245 -17.20 11.30 -11.96
C PRO C 245 -16.94 11.42 -13.47
N VAL C 246 -15.85 10.84 -13.94
CA VAL C 246 -15.49 10.92 -15.36
C VAL C 246 -16.22 9.92 -16.25
N LYS C 247 -17.03 10.46 -17.17
CA LYS C 247 -17.81 9.65 -18.11
C LYS C 247 -18.40 8.39 -17.51
N PRO C 248 -19.23 8.52 -16.47
CA PRO C 248 -19.81 7.33 -15.85
C PRO C 248 -20.79 6.63 -16.79
N VAL C 249 -20.77 5.30 -16.78
CA VAL C 249 -21.69 4.51 -17.61
C VAL C 249 -22.45 3.60 -16.64
N PHE C 250 -23.76 3.50 -16.82
CA PHE C 250 -24.59 2.69 -15.94
C PHE C 250 -25.27 1.52 -16.63
N ASN C 251 -25.35 0.38 -15.95
CA ASN C 251 -26.01 -0.81 -16.48
C ASN C 251 -26.91 -1.43 -15.42
N GLY C 252 -27.88 -2.22 -15.86
CA GLY C 252 -28.78 -2.88 -14.94
C GLY C 252 -29.76 -1.95 -14.24
N LEU C 253 -30.59 -1.27 -15.02
CA LEU C 253 -31.59 -0.36 -14.47
C LEU C 253 -32.58 -1.14 -13.61
N ARG C 254 -32.90 -0.59 -12.44
CA ARG C 254 -33.84 -1.24 -11.53
C ARG C 254 -34.43 -0.20 -10.58
N HIS C 255 -35.24 -0.64 -9.63
CA HIS C 255 -35.82 0.28 -8.66
C HIS C 255 -34.67 0.76 -7.77
N THR C 256 -34.86 1.91 -7.13
CA THR C 256 -33.82 2.50 -6.29
C THR C 256 -33.47 1.74 -5.01
N VAL C 257 -32.29 2.03 -4.46
CA VAL C 257 -31.84 1.44 -3.22
C VAL C 257 -32.28 2.42 -2.14
N VAL C 258 -32.40 1.95 -0.90
CA VAL C 258 -32.82 2.83 0.18
C VAL C 258 -31.73 2.97 1.24
#